data_8AMV
#
_entry.id   8AMV
#
_cell.length_a   90.910
_cell.length_b   79.330
_cell.length_c   114.900
_cell.angle_alpha   90.000
_cell.angle_beta   104.924
_cell.angle_gamma   90.000
#
_symmetry.space_group_name_H-M   'P 1 21 1'
#
loop_
_entity.id
_entity.type
_entity.pdbx_description
1 polymer 'Replication protein RepB'
2 non-polymer 'PHOSPHATE ION'
3 non-polymer 'SODIUM ION'
4 water water
#
_entity_poly.entity_id   1
_entity_poly.type   'polypeptide(L)'
_entity_poly.pdbx_seq_one_letter_code
;MAKEKARYFTFLLYPESIPSDWELKLETLGVPMAISPLHDKDKSSIKGQKYKKAHYHVLYIAKNPVTADSVRKKIKLLLG
EKSLAMVQVVLNVENMYLYLTHESKDAIAKKKHVYDKADIKLINNFDIDRYVTLDVEEKTELFNVVVSLIRAYTLQNIFD
LYDFIDENGETYGLTINLVNEVIAGKTGFMKLLFDGAYQRSKRGTKNEER
;
_entity_poly.pdbx_strand_id   A,B,C,D,E,F
#
loop_
_chem_comp.id
_chem_comp.type
_chem_comp.name
_chem_comp.formula
NA non-polymer 'SODIUM ION' 'Na 1'
PO4 non-polymer 'PHOSPHATE ION' 'O4 P -3'
#
# COMPACT_ATOMS: atom_id res chain seq x y z
N GLU A 4 5.81 -18.41 27.94
CA GLU A 4 5.79 -16.96 27.70
C GLU A 4 7.20 -16.34 27.84
N LYS A 5 7.60 -15.63 26.76
CA LYS A 5 8.94 -15.12 26.53
C LYS A 5 8.98 -13.61 26.37
N ALA A 6 9.96 -12.99 27.03
CA ALA A 6 10.16 -11.56 27.06
C ALA A 6 11.65 -11.23 26.88
N ARG A 7 11.94 -9.94 26.66
CA ARG A 7 13.31 -9.46 26.48
C ARG A 7 13.93 -8.80 27.72
N TYR A 8 13.13 -8.11 28.55
CA TYR A 8 13.65 -7.37 29.71
C TYR A 8 13.33 -8.14 30.98
N PHE A 9 14.32 -8.32 31.85
CA PHE A 9 14.19 -9.11 33.07
C PHE A 9 14.85 -8.41 34.24
N THR A 10 14.46 -8.80 35.44
CA THR A 10 15.19 -8.34 36.61
C THR A 10 15.17 -9.44 37.67
N PHE A 11 16.12 -9.36 38.61
CA PHE A 11 16.15 -10.33 39.69
C PHE A 11 17.01 -9.77 40.81
N LEU A 12 16.98 -10.43 41.95
CA LEU A 12 17.76 -9.95 43.07
C LEU A 12 19.02 -10.80 43.18
N LEU A 13 20.08 -10.17 43.72
CA LEU A 13 21.26 -10.89 44.15
C LEU A 13 21.57 -10.49 45.60
N TYR A 14 21.87 -11.47 46.43
CA TYR A 14 22.24 -11.17 47.80
C TYR A 14 23.72 -11.45 47.96
N PRO A 15 24.51 -10.48 48.44
CA PRO A 15 25.94 -10.74 48.67
C PRO A 15 26.20 -12.00 49.47
N GLU A 16 25.37 -12.31 50.47
CA GLU A 16 25.55 -13.51 51.28
C GLU A 16 25.56 -14.77 50.42
N SER A 17 24.83 -14.77 49.30
CA SER A 17 24.57 -16.01 48.59
C SER A 17 25.26 -16.06 47.23
N ILE A 18 26.28 -15.23 47.02
CA ILE A 18 26.90 -15.12 45.71
C ILE A 18 28.41 -15.01 45.85
N PRO A 19 29.14 -15.46 44.83
CA PRO A 19 30.61 -15.35 44.83
C PRO A 19 31.08 -13.90 44.81
N SER A 20 32.36 -13.71 45.17
CA SER A 20 33.03 -12.41 45.19
C SER A 20 33.26 -11.84 43.79
N ASP A 21 33.52 -12.71 42.81
CA ASP A 21 33.80 -12.27 41.45
C ASP A 21 32.52 -12.26 40.62
N TRP A 22 31.37 -12.13 41.32
CA TRP A 22 30.06 -12.25 40.69
C TRP A 22 29.86 -11.19 39.61
N GLU A 23 30.35 -9.96 39.84
CA GLU A 23 30.24 -8.92 38.83
C GLU A 23 30.95 -9.35 37.56
N LEU A 24 32.18 -9.86 37.68
CA LEU A 24 32.89 -10.29 36.47
C LEU A 24 32.19 -11.48 35.86
N LYS A 25 31.64 -12.36 36.69
CA LYS A 25 30.96 -13.53 36.17
C LYS A 25 29.73 -13.12 35.38
N LEU A 26 29.04 -12.06 35.80
CA LEU A 26 27.91 -11.53 35.03
C LEU A 26 28.34 -11.01 33.65
N GLU A 27 29.51 -10.35 33.57
CA GLU A 27 30.01 -9.84 32.28
C GLU A 27 30.26 -10.95 31.28
N THR A 28 30.59 -12.13 31.78
CA THR A 28 30.83 -13.30 30.96
C THR A 28 29.70 -13.57 29.97
N LEU A 29 28.46 -13.23 30.32
CA LEU A 29 27.30 -13.59 29.51
C LEU A 29 27.14 -12.71 28.27
N GLY A 30 27.75 -11.54 28.22
CA GLY A 30 27.65 -10.73 27.03
C GLY A 30 26.29 -10.11 26.83
N VAL A 31 25.51 -10.00 27.89
CA VAL A 31 24.17 -9.42 27.90
C VAL A 31 24.33 -8.09 28.58
N PRO A 32 23.65 -7.02 28.16
CA PRO A 32 23.77 -5.76 28.91
C PRO A 32 23.01 -5.85 30.24
N MET A 33 23.58 -5.23 31.27
CA MET A 33 22.93 -5.34 32.56
C MET A 33 23.13 -4.06 33.35
N ALA A 34 22.13 -3.73 34.15
CA ALA A 34 22.24 -2.62 35.07
C ALA A 34 22.18 -3.20 36.47
N ILE A 35 23.16 -2.85 37.29
CA ILE A 35 23.21 -3.34 38.67
C ILE A 35 22.98 -2.17 39.60
N SER A 36 22.13 -2.37 40.55
CA SER A 36 21.76 -1.36 41.53
C SER A 36 22.93 -1.02 42.46
N PRO A 37 22.89 0.16 43.08
CA PRO A 37 23.70 0.38 44.28
C PRO A 37 23.17 -0.56 45.34
N LEU A 38 24.05 -1.04 46.20
CA LEU A 38 23.61 -2.01 47.20
C LEU A 38 22.51 -1.42 48.09
N HIS A 39 21.39 -2.11 48.18
CA HIS A 39 20.27 -1.67 49.01
C HIS A 39 20.56 -2.17 50.41
N ASP A 40 21.34 -1.37 51.13
CA ASP A 40 21.79 -1.71 52.47
C ASP A 40 20.97 -1.02 53.54
N LYS A 41 20.01 -0.20 53.14
CA LYS A 41 19.25 0.62 54.06
C LYS A 41 17.77 0.64 53.69
N ASP A 42 17.25 -0.45 53.16
CA ASP A 42 15.83 -0.54 52.88
C ASP A 42 15.08 -0.86 54.17
N LYS A 43 14.04 -0.09 54.48
CA LYS A 43 13.31 -0.35 55.71
C LYS A 43 12.45 -1.62 55.56
N SER A 44 12.58 -2.50 56.54
CA SER A 44 12.00 -3.85 56.54
C SER A 44 10.78 -3.97 57.43
N SER A 45 9.76 -4.69 56.94
CA SER A 45 8.50 -4.93 57.65
C SER A 45 8.64 -5.97 58.75
N ILE A 46 9.85 -6.51 58.93
CA ILE A 46 10.12 -7.41 60.04
C ILE A 46 10.28 -6.59 61.31
N LYS A 47 9.45 -6.92 62.31
CA LYS A 47 9.51 -6.25 63.62
C LYS A 47 10.87 -6.42 64.27
N GLY A 48 11.59 -5.31 64.42
CA GLY A 48 12.82 -5.38 65.18
C GLY A 48 14.10 -5.46 64.39
N GLN A 49 14.05 -5.55 63.04
CA GLN A 49 15.25 -5.77 62.25
C GLN A 49 15.76 -4.51 61.53
N LYS A 50 14.90 -3.50 61.37
CA LYS A 50 15.28 -2.18 60.86
C LYS A 50 15.50 -2.16 59.36
N TYR A 51 16.47 -2.94 58.87
CA TYR A 51 16.85 -2.94 57.47
C TYR A 51 16.69 -4.32 56.83
N LYS A 52 16.42 -4.33 55.53
CA LYS A 52 16.42 -5.57 54.75
C LYS A 52 17.86 -6.08 54.52
N LYS A 53 17.97 -7.36 54.15
CA LYS A 53 19.27 -7.93 53.78
C LYS A 53 19.82 -7.14 52.60
N ALA A 54 21.11 -6.82 52.65
CA ALA A 54 21.71 -6.08 51.55
C ALA A 54 21.55 -6.84 50.25
N HIS A 55 21.07 -6.16 49.22
CA HIS A 55 20.81 -6.88 47.98
C HIS A 55 21.01 -5.93 46.80
N TYR A 56 21.23 -6.52 45.64
CA TYR A 56 21.27 -5.77 44.41
C TYR A 56 20.05 -6.13 43.59
N HIS A 57 19.53 -5.16 42.86
CA HIS A 57 18.65 -5.43 41.76
C HIS A 57 19.49 -5.44 40.48
N VAL A 58 19.20 -6.39 39.61
CA VAL A 58 19.91 -6.51 38.36
C VAL A 58 18.86 -6.37 37.27
N LEU A 59 19.07 -5.42 36.36
CA LEU A 59 18.24 -5.27 35.17
C LEU A 59 19.00 -5.94 34.03
N TYR A 60 18.38 -6.93 33.40
CA TYR A 60 19.01 -7.86 32.47
C TYR A 60 18.28 -7.75 31.14
N ILE A 61 19.02 -7.57 30.05
CA ILE A 61 18.44 -7.34 28.71
C ILE A 61 18.76 -8.56 27.85
N ALA A 62 17.77 -9.44 27.65
CA ALA A 62 18.04 -10.67 26.90
C ALA A 62 18.22 -10.32 25.44
N LYS A 63 18.95 -11.18 24.72
CA LYS A 63 19.38 -10.85 23.37
C LYS A 63 18.21 -10.90 22.40
N ASN A 64 17.37 -11.94 22.50
CA ASN A 64 16.12 -12.10 21.75
C ASN A 64 14.98 -12.35 22.75
N PRO A 65 13.73 -12.46 22.32
CA PRO A 65 12.70 -12.96 23.23
C PRO A 65 13.12 -14.31 23.81
N VAL A 66 13.00 -14.44 25.13
CA VAL A 66 13.47 -15.60 25.88
C VAL A 66 12.49 -15.88 27.01
N THR A 67 12.42 -17.13 27.45
CA THR A 67 11.58 -17.41 28.61
C THR A 67 12.29 -16.95 29.88
N ALA A 68 11.49 -16.68 30.92
CA ALA A 68 12.08 -16.23 32.17
C ALA A 68 12.87 -17.35 32.83
N ASP A 69 12.32 -18.56 32.85
CA ASP A 69 13.01 -19.64 33.55
C ASP A 69 14.35 -19.95 32.90
N SER A 70 14.42 -19.88 31.57
CA SER A 70 15.70 -19.94 30.89
C SER A 70 16.72 -19.02 31.56
N VAL A 71 16.33 -17.76 31.78
CA VAL A 71 17.29 -16.79 32.32
C VAL A 71 17.65 -17.15 33.75
N ARG A 72 16.68 -17.59 34.55
CA ARG A 72 16.99 -18.01 35.92
C ARG A 72 17.99 -19.16 35.94
N LYS A 73 17.72 -20.21 35.14
CA LYS A 73 18.62 -21.35 35.11
C LYS A 73 20.01 -20.90 34.73
N LYS A 74 20.12 -20.03 33.73
CA LYS A 74 21.42 -19.57 33.23
C LYS A 74 22.16 -18.79 34.31
N ILE A 75 21.43 -18.03 35.14
CA ILE A 75 22.06 -17.35 36.27
C ILE A 75 22.41 -18.36 37.36
N LYS A 76 21.62 -19.43 37.49
CA LYS A 76 21.97 -20.47 38.46
C LYS A 76 23.30 -21.13 38.09
N LEU A 77 23.49 -21.48 36.81
CA LEU A 77 24.73 -22.07 36.33
C LEU A 77 25.91 -21.14 36.53
N LEU A 78 25.70 -19.83 36.32
CA LEU A 78 26.78 -18.86 36.37
C LEU A 78 27.22 -18.53 37.80
N LEU A 79 26.30 -18.40 38.73
CA LEU A 79 26.61 -17.87 40.06
C LEU A 79 26.37 -18.87 41.19
N GLY A 80 25.66 -19.96 40.94
CA GLY A 80 25.44 -20.91 42.01
C GLY A 80 23.98 -21.25 41.97
N GLU A 81 23.54 -22.39 42.52
CA GLU A 81 22.12 -22.62 42.36
C GLU A 81 21.38 -21.78 43.39
N LYS A 82 22.07 -21.44 44.48
CA LYS A 82 21.54 -20.65 45.60
C LYS A 82 21.63 -19.13 45.35
N SER A 83 21.96 -18.70 44.12
CA SER A 83 22.23 -17.29 43.86
C SER A 83 20.96 -16.47 43.77
N LEU A 84 19.90 -17.02 43.18
CA LEU A 84 18.62 -16.33 43.07
C LEU A 84 17.51 -17.38 43.12
N ALA A 85 16.26 -16.93 43.20
CA ALA A 85 15.16 -17.87 43.36
C ALA A 85 14.22 -17.82 42.17
N MET A 86 13.77 -16.64 41.74
CA MET A 86 12.90 -16.48 40.60
C MET A 86 13.35 -15.23 39.84
N VAL A 87 13.10 -15.23 38.54
CA VAL A 87 13.37 -14.09 37.68
C VAL A 87 12.05 -13.45 37.27
N GLN A 88 11.99 -12.11 37.36
CA GLN A 88 10.78 -11.35 37.08
C GLN A 88 10.85 -10.73 35.70
N VAL A 89 9.70 -10.61 35.04
CA VAL A 89 9.65 -10.01 33.72
C VAL A 89 9.44 -8.52 33.90
N VAL A 90 10.25 -7.73 33.21
CA VAL A 90 10.16 -6.28 33.26
C VAL A 90 9.29 -5.88 32.10
N LEU A 91 8.31 -5.02 32.37
CA LEU A 91 7.29 -4.58 31.44
C LEU A 91 7.51 -3.16 30.93
N ASN A 92 8.04 -2.29 31.80
CA ASN A 92 8.51 -0.95 31.47
C ASN A 92 9.97 -0.89 31.87
N VAL A 93 10.88 -1.03 30.90
CA VAL A 93 12.30 -1.08 31.20
C VAL A 93 12.78 0.20 31.91
N GLU A 94 12.18 1.34 31.56
CA GLU A 94 12.56 2.62 32.17
C GLU A 94 12.18 2.67 33.64
N ASN A 95 11.02 2.11 33.98
CA ASN A 95 10.54 2.14 35.35
C ASN A 95 11.41 1.28 36.26
N MET A 96 11.86 0.13 35.77
CA MET A 96 12.72 -0.70 36.59
C MET A 96 14.07 -0.03 36.80
N TYR A 97 14.62 0.62 35.74
CA TYR A 97 15.90 1.29 35.84
C TYR A 97 15.84 2.41 36.89
N LEU A 98 14.76 3.17 36.92
CA LEU A 98 14.60 4.12 37.99
C LEU A 98 14.45 3.43 39.34
N TYR A 99 13.82 2.24 39.36
CA TYR A 99 13.67 1.53 40.63
C TYR A 99 15.03 1.16 41.20
N LEU A 100 16.06 1.06 40.34
CA LEU A 100 17.41 0.74 40.80
C LEU A 100 17.83 1.64 41.95
N THR A 101 17.34 2.88 42.00
CA THR A 101 17.70 3.86 43.03
C THR A 101 16.49 4.30 43.85
N HIS A 102 15.36 3.61 43.71
CA HIS A 102 14.08 4.00 44.31
C HIS A 102 13.70 5.42 43.91
N GLU A 103 13.93 5.73 42.64
CA GLU A 103 13.60 7.01 42.05
C GLU A 103 12.52 6.83 41.00
N SER A 104 11.93 5.63 40.98
CA SER A 104 10.72 5.28 40.26
C SER A 104 9.52 5.92 40.97
N LYS A 105 8.48 6.19 40.20
CA LYS A 105 7.33 6.88 40.76
C LYS A 105 6.62 6.03 41.83
N ASP A 106 6.70 4.69 41.68
CA ASP A 106 6.07 3.79 42.66
C ASP A 106 6.94 3.63 43.89
N ALA A 107 8.27 3.78 43.72
CA ALA A 107 9.17 3.81 44.87
C ALA A 107 8.99 5.11 45.67
N ILE A 108 8.96 6.25 44.97
CA ILE A 108 8.76 7.53 45.64
C ILE A 108 7.42 7.55 46.34
N ALA A 109 6.42 6.91 45.75
CA ALA A 109 5.09 6.89 46.34
C ALA A 109 5.06 6.05 47.61
N LYS A 110 5.98 5.07 47.73
CA LYS A 110 6.09 4.24 48.93
C LYS A 110 7.27 4.65 49.81
N LYS A 111 7.87 5.81 49.52
CA LYS A 111 8.91 6.42 50.35
C LYS A 111 10.09 5.47 50.61
N LYS A 112 10.50 4.75 49.59
CA LYS A 112 11.63 3.86 49.78
C LYS A 112 12.92 4.69 49.73
N HIS A 113 13.94 4.19 50.42
CA HIS A 113 15.22 4.88 50.54
C HIS A 113 15.80 5.15 49.17
N VAL A 114 16.27 6.39 48.95
CA VAL A 114 16.86 6.77 47.67
C VAL A 114 18.35 6.45 47.68
N TYR A 115 18.84 6.03 46.52
CA TYR A 115 20.25 5.70 46.32
C TYR A 115 20.81 6.55 45.20
N ASP A 116 22.15 6.55 45.14
CA ASP A 116 22.91 7.38 44.23
C ASP A 116 23.08 6.69 42.89
N LYS A 117 22.82 7.47 41.86
CA LYS A 117 22.79 7.12 40.45
C LYS A 117 24.18 6.80 39.89
N ALA A 118 25.25 7.30 40.54
CA ALA A 118 26.62 7.02 40.15
C ALA A 118 27.06 5.61 40.53
N ASP A 119 26.38 5.00 41.51
CA ASP A 119 26.65 3.65 41.97
C ASP A 119 26.01 2.58 41.10
N ILE A 120 25.21 2.95 40.11
CA ILE A 120 24.76 2.01 39.09
C ILE A 120 25.97 1.50 38.31
N LYS A 121 26.14 0.16 38.25
CA LYS A 121 27.19 -0.44 37.43
C LYS A 121 26.56 -0.94 36.14
N LEU A 122 27.04 -0.43 35.03
CA LEU A 122 26.52 -0.85 33.74
C LEU A 122 27.42 -1.91 33.15
N ILE A 123 26.83 -2.83 32.42
CA ILE A 123 27.60 -3.95 31.93
C ILE A 123 27.34 -4.16 30.45
N ASN A 124 28.39 -4.47 29.69
CA ASN A 124 28.28 -4.81 28.26
C ASN A 124 27.57 -3.72 27.46
N ASN A 125 27.98 -2.46 27.70
CA ASN A 125 27.49 -1.25 26.99
C ASN A 125 25.98 -1.06 27.13
N PHE A 126 25.48 -1.27 28.35
CA PHE A 126 24.09 -0.96 28.67
C PHE A 126 23.86 0.54 28.58
N ASP A 127 22.91 0.94 27.74
CA ASP A 127 22.49 2.33 27.60
C ASP A 127 20.96 2.38 27.70
N ILE A 128 20.44 3.09 28.71
CA ILE A 128 19.01 3.03 28.98
C ILE A 128 18.21 3.57 27.78
N ASP A 129 18.72 4.62 27.14
CA ASP A 129 18.01 5.27 26.05
C ASP A 129 17.79 4.35 24.84
N ARG A 130 18.60 3.31 24.66
CA ARG A 130 18.28 2.31 23.63
C ARG A 130 17.12 1.39 23.95
N TYR A 131 16.65 1.32 25.17
CA TYR A 131 15.53 0.42 25.40
C TYR A 131 14.19 1.15 25.56
N VAL A 132 14.19 2.45 25.85
CA VAL A 132 12.94 3.17 26.04
C VAL A 132 12.32 3.46 24.69
N THR A 133 11.00 3.41 24.65
CA THR A 133 10.23 3.54 23.42
C THR A 133 9.42 4.86 23.47
N LEU A 134 9.25 5.50 22.32
CA LEU A 134 8.49 6.74 22.26
C LEU A 134 7.13 6.53 21.61
N ASP A 135 6.12 7.27 22.08
CA ASP A 135 4.81 7.14 21.44
C ASP A 135 4.74 8.02 20.19
N VAL A 136 3.69 7.82 19.38
CA VAL A 136 3.58 8.55 18.11
C VAL A 136 3.40 10.03 18.36
N GLU A 137 2.77 10.42 19.46
CA GLU A 137 2.61 11.85 19.72
C GLU A 137 3.98 12.47 19.93
N GLU A 138 4.87 11.75 20.62
CA GLU A 138 6.24 12.15 20.88
C GLU A 138 7.08 12.11 19.60
N LYS A 139 6.83 11.13 18.72
CA LYS A 139 7.53 11.13 17.44
C LYS A 139 7.03 12.24 16.54
N THR A 140 5.76 12.59 16.62
CA THR A 140 5.27 13.70 15.81
C THR A 140 5.87 15.02 16.28
N GLU A 141 6.04 15.20 17.59
CA GLU A 141 6.65 16.44 18.06
C GLU A 141 8.15 16.48 17.72
N LEU A 142 8.81 15.31 17.75
CA LEU A 142 10.20 15.29 17.30
C LEU A 142 10.31 15.79 15.86
N PHE A 143 9.38 15.37 14.98
CA PHE A 143 9.41 15.89 13.62
C PHE A 143 9.20 17.40 13.65
N ASN A 144 8.15 17.87 14.34
CA ASN A 144 7.92 19.31 14.44
C ASN A 144 9.16 20.00 14.98
N VAL A 145 9.90 19.32 15.86
CA VAL A 145 11.16 19.91 16.32
C VAL A 145 12.16 20.00 15.18
N VAL A 146 12.34 18.92 14.43
CA VAL A 146 13.28 18.99 13.30
C VAL A 146 12.89 20.10 12.32
N VAL A 147 11.59 20.33 12.11
CA VAL A 147 11.18 21.42 11.25
C VAL A 147 11.75 22.74 11.78
N SER A 148 11.45 23.07 13.04
CA SER A 148 11.89 24.36 13.57
C SER A 148 13.42 24.48 13.53
N LEU A 149 14.15 23.38 13.70
CA LEU A 149 15.59 23.45 13.57
C LEU A 149 15.99 23.79 12.13
N ILE A 150 15.29 23.24 11.14
CA ILE A 150 15.64 23.56 9.77
C ILE A 150 15.33 25.03 9.50
N ARG A 151 14.24 25.53 10.06
CA ARG A 151 13.92 26.95 9.96
C ARG A 151 14.96 27.81 10.68
N ALA A 152 15.15 27.58 11.99
CA ALA A 152 16.01 28.42 12.81
C ALA A 152 17.40 28.58 12.22
N TYR A 153 18.03 27.47 11.82
CA TYR A 153 19.42 27.49 11.40
C TYR A 153 19.55 27.33 9.89
N THR A 154 18.46 27.52 9.14
CA THR A 154 18.45 27.49 7.68
C THR A 154 19.35 26.38 7.14
N LEU A 155 18.97 25.15 7.47
CA LEU A 155 19.75 23.97 7.12
C LEU A 155 19.41 23.50 5.70
N GLN A 156 20.38 23.55 4.79
CA GLN A 156 20.04 23.46 3.37
C GLN A 156 19.88 22.04 2.84
N ASN A 157 20.31 21.02 3.60
CA ASN A 157 20.32 19.65 3.13
C ASN A 157 20.49 18.74 4.32
N ILE A 158 20.46 17.44 4.06
CA ILE A 158 20.38 16.54 5.20
C ILE A 158 21.73 16.41 5.88
N PHE A 159 22.82 16.66 5.15
CA PHE A 159 24.14 16.67 5.79
C PHE A 159 24.22 17.82 6.80
N ASP A 160 23.84 19.03 6.39
CA ASP A 160 23.79 20.13 7.33
C ASP A 160 22.93 19.76 8.54
N LEU A 161 21.80 19.07 8.30
CA LEU A 161 20.97 18.63 9.43
C LEU A 161 21.72 17.61 10.30
N TYR A 162 22.35 16.60 9.69
CA TYR A 162 23.05 15.64 10.53
C TYR A 162 24.15 16.33 11.32
N ASP A 163 24.93 17.18 10.67
CA ASP A 163 26.02 17.87 11.36
C ASP A 163 25.48 18.59 12.59
N PHE A 164 24.36 19.31 12.44
CA PHE A 164 23.75 19.98 13.58
C PHE A 164 23.34 19.00 14.69
N ILE A 165 22.81 17.83 14.30
CA ILE A 165 22.43 16.80 15.28
C ILE A 165 23.66 16.25 15.98
N ASP A 166 24.75 16.01 15.22
CA ASP A 166 26.00 15.61 15.85
C ASP A 166 26.38 16.63 16.92
N GLU A 167 26.37 17.91 16.57
CA GLU A 167 26.75 18.95 17.52
C GLU A 167 25.70 19.15 18.63
N ASN A 168 24.40 19.26 18.30
CA ASN A 168 23.49 19.74 19.34
C ASN A 168 22.29 18.81 19.60
N GLY A 169 22.36 17.56 19.14
CA GLY A 169 21.21 16.66 19.20
C GLY A 169 20.61 16.56 20.60
N GLU A 170 21.46 16.35 21.60
CA GLU A 170 21.03 16.13 22.97
C GLU A 170 20.17 17.27 23.50
N THR A 171 20.50 18.51 23.12
CA THR A 171 19.73 19.64 23.61
C THR A 171 18.25 19.47 23.30
N TYR A 172 17.93 18.80 22.19
CA TYR A 172 16.55 18.66 21.72
C TYR A 172 16.10 17.20 21.71
N GLY A 173 16.83 16.32 22.38
CA GLY A 173 16.48 14.93 22.45
C GLY A 173 16.61 14.23 21.12
N LEU A 174 17.70 14.45 20.37
CA LEU A 174 17.80 13.90 19.02
C LEU A 174 19.14 13.21 18.76
N THR A 175 19.08 12.08 18.08
CA THR A 175 20.24 11.35 17.62
C THR A 175 20.13 11.17 16.12
N ILE A 176 21.23 10.74 15.49
CA ILE A 176 21.15 10.54 14.04
C ILE A 176 20.10 9.49 13.74
N ASN A 177 20.21 8.35 14.40
CA ASN A 177 19.32 7.26 14.04
C ASN A 177 17.87 7.61 14.40
N LEU A 178 17.66 8.43 15.43
CA LEU A 178 16.28 8.73 15.78
C LEU A 178 15.72 9.77 14.82
N VAL A 179 16.59 10.61 14.24
CA VAL A 179 16.15 11.48 13.15
C VAL A 179 15.74 10.63 11.95
N ASN A 180 16.51 9.59 11.63
CA ASN A 180 16.18 8.73 10.50
C ASN A 180 14.81 8.09 10.66
N GLU A 181 14.47 7.63 11.86
CA GLU A 181 13.15 7.05 12.06
C GLU A 181 12.08 8.12 11.90
N VAL A 182 12.33 9.32 12.43
CA VAL A 182 11.29 10.35 12.46
C VAL A 182 10.94 10.84 11.07
N ILE A 183 11.93 10.94 10.17
CA ILE A 183 11.69 11.50 8.85
C ILE A 183 11.38 10.44 7.81
N ALA A 184 11.61 9.17 8.13
CA ALA A 184 11.24 8.08 7.23
C ALA A 184 9.78 8.20 6.82
N GLY A 185 9.53 8.11 5.52
CA GLY A 185 8.16 8.29 5.07
C GLY A 185 7.68 9.71 5.12
N LYS A 186 8.61 10.63 5.29
CA LYS A 186 8.30 12.04 5.19
C LYS A 186 9.31 12.73 4.30
N THR A 187 9.94 11.98 3.37
CA THR A 187 11.01 12.57 2.60
C THR A 187 10.50 13.66 1.67
N GLY A 188 9.25 13.57 1.22
CA GLY A 188 8.70 14.67 0.42
C GLY A 188 8.63 15.96 1.22
N PHE A 189 8.17 15.88 2.47
CA PHE A 189 8.18 17.04 3.36
C PHE A 189 9.60 17.53 3.56
N MET A 190 10.53 16.62 3.77
CA MET A 190 11.92 16.98 3.92
C MET A 190 12.41 17.80 2.74
N LYS A 191 12.08 17.38 1.50
CA LYS A 191 12.59 18.10 0.33
C LYS A 191 12.02 19.52 0.30
N LEU A 192 10.72 19.67 0.61
CA LEU A 192 10.18 21.02 0.67
C LEU A 192 10.96 21.84 1.68
N LEU A 193 11.29 21.27 2.85
CA LEU A 193 11.99 22.07 3.85
C LEU A 193 13.35 22.52 3.34
N PHE A 194 14.15 21.59 2.82
CA PHE A 194 15.47 21.92 2.34
C PHE A 194 15.42 22.90 1.18
N ASP A 195 14.41 22.78 0.29
CA ASP A 195 14.28 23.78 -0.78
C ASP A 195 14.08 25.17 -0.20
N GLY A 196 13.16 25.32 0.74
CA GLY A 196 12.96 26.60 1.39
C GLY A 196 14.26 27.12 1.98
N ALA A 197 14.93 26.31 2.80
CA ALA A 197 16.22 26.73 3.34
C ALA A 197 17.18 27.11 2.22
N TYR A 198 17.22 26.32 1.15
CA TYR A 198 18.14 26.63 0.06
C TYR A 198 17.83 27.98 -0.56
N GLN A 199 16.58 28.19 -1.01
CA GLN A 199 16.23 29.48 -1.60
C GLN A 199 16.37 30.60 -0.60
N ARG A 200 16.08 30.35 0.66
CA ARG A 200 16.18 31.38 1.67
C ARG A 200 17.63 31.80 1.90
N SER A 201 18.61 30.91 1.64
CA SER A 201 20.01 31.30 1.83
C SER A 201 20.54 32.12 0.65
N LYS A 202 19.82 32.13 -0.48
CA LYS A 202 20.17 32.97 -1.62
C LYS A 202 19.23 34.17 -1.53
N ARG A 203 19.49 34.98 -0.52
CA ARG A 203 18.64 36.13 -0.26
C ARG A 203 19.38 37.10 0.64
N GLU B 4 26.97 -15.44 -0.93
CA GLU B 4 25.90 -14.64 -0.34
C GLU B 4 25.07 -15.51 0.62
N LYS B 5 24.95 -15.03 1.87
CA LYS B 5 24.38 -15.77 2.99
C LYS B 5 23.12 -15.07 3.48
N ALA B 6 22.04 -15.82 3.71
CA ALA B 6 20.75 -15.29 4.14
C ALA B 6 20.11 -16.21 5.17
N ARG B 7 19.07 -15.71 5.84
CA ARG B 7 18.43 -16.45 6.93
C ARG B 7 17.15 -17.20 6.54
N TYR B 8 16.31 -16.59 5.72
CA TYR B 8 15.02 -17.15 5.36
C TYR B 8 15.02 -17.69 3.93
N PHE B 9 14.43 -18.87 3.74
CA PHE B 9 14.42 -19.54 2.44
C PHE B 9 13.03 -20.09 2.14
N THR B 10 12.82 -20.49 0.90
CA THR B 10 11.58 -21.17 0.54
C THR B 10 11.86 -22.14 -0.60
N PHE B 11 10.92 -23.06 -0.82
CA PHE B 11 10.96 -23.98 -1.95
C PHE B 11 9.58 -24.59 -2.09
N LEU B 12 9.37 -25.30 -3.19
CA LEU B 12 8.10 -25.95 -3.48
C LEU B 12 8.23 -27.47 -3.30
N LEU B 13 7.12 -28.11 -2.94
CA LEU B 13 6.98 -29.57 -2.97
C LEU B 13 5.66 -29.95 -3.63
N TYR B 14 5.71 -30.98 -4.48
CA TYR B 14 4.52 -31.53 -5.15
C TYR B 14 4.20 -32.92 -4.61
N PRO B 15 2.93 -33.26 -4.36
CA PRO B 15 2.62 -34.61 -3.83
C PRO B 15 3.23 -35.74 -4.65
N GLU B 16 3.20 -35.68 -6.00
CA GLU B 16 3.76 -36.73 -6.86
C GLU B 16 5.24 -36.98 -6.62
N SER B 17 5.94 -36.09 -5.96
CA SER B 17 7.38 -36.29 -5.91
C SER B 17 7.92 -36.54 -4.51
N ILE B 18 7.06 -36.81 -3.53
CA ILE B 18 7.57 -36.87 -2.16
C ILE B 18 6.94 -38.05 -1.43
N PRO B 19 7.66 -38.67 -0.50
CA PRO B 19 7.09 -39.80 0.24
C PRO B 19 5.93 -39.31 1.09
N SER B 20 5.20 -40.30 1.54
CA SER B 20 3.96 -40.07 2.21
C SER B 20 4.15 -39.45 3.60
N ASP B 21 5.31 -39.67 4.28
CA ASP B 21 5.76 -39.15 5.59
C ASP B 21 6.65 -37.88 5.48
N TRP B 22 6.53 -37.10 4.38
CA TRP B 22 7.45 -35.96 4.17
C TRP B 22 7.37 -34.96 5.32
N GLU B 23 6.16 -34.71 5.85
CA GLU B 23 5.99 -33.75 6.93
C GLU B 23 6.78 -34.16 8.16
N LEU B 24 6.69 -35.43 8.54
CA LEU B 24 7.42 -35.88 9.72
C LEU B 24 8.92 -35.97 9.45
N LYS B 25 9.33 -36.33 8.23
CA LYS B 25 10.76 -36.36 7.94
C LYS B 25 11.33 -34.94 7.99
N LEU B 26 10.53 -33.96 7.58
CA LEU B 26 10.97 -32.55 7.58
C LEU B 26 11.28 -32.05 8.98
N GLU B 27 10.39 -32.33 9.94
CA GLU B 27 10.59 -31.85 11.31
C GLU B 27 11.84 -32.46 11.95
N THR B 28 12.29 -33.62 11.45
CA THR B 28 13.53 -34.25 11.92
C THR B 28 14.71 -33.29 11.85
N LEU B 29 14.76 -32.44 10.82
CA LEU B 29 15.95 -31.63 10.61
C LEU B 29 16.11 -30.58 11.70
N GLY B 30 15.09 -30.41 12.54
CA GLY B 30 15.21 -29.56 13.71
C GLY B 30 15.22 -28.08 13.42
N VAL B 31 14.66 -27.67 12.29
CA VAL B 31 14.62 -26.26 11.88
C VAL B 31 13.17 -25.77 11.88
N PRO B 32 12.90 -24.52 12.24
CA PRO B 32 11.51 -24.01 12.19
C PRO B 32 11.02 -23.89 10.75
N MET B 33 9.77 -24.30 10.51
CA MET B 33 9.23 -24.31 9.15
C MET B 33 7.74 -24.03 9.13
N ALA B 34 7.30 -23.36 8.07
CA ALA B 34 5.88 -23.17 7.77
C ALA B 34 5.53 -23.85 6.45
N ILE B 35 4.49 -24.66 6.47
CA ILE B 35 4.03 -25.34 5.27
C ILE B 35 2.63 -24.83 4.93
N SER B 36 2.41 -24.49 3.66
CA SER B 36 1.14 -23.99 3.15
C SER B 36 0.11 -25.11 3.10
N PRO B 37 -1.17 -24.78 2.98
CA PRO B 37 -2.15 -25.79 2.55
C PRO B 37 -1.88 -26.20 1.11
N LEU B 38 -2.28 -27.43 0.77
CA LEU B 38 -2.12 -27.88 -0.61
C LEU B 38 -2.84 -26.89 -1.52
N HIS B 39 -2.10 -26.36 -2.49
CA HIS B 39 -2.69 -25.45 -3.48
C HIS B 39 -3.20 -26.29 -4.64
N ASP B 40 -4.36 -26.91 -4.46
CA ASP B 40 -4.83 -27.79 -5.51
C ASP B 40 -5.90 -27.13 -6.36
N LYS B 41 -6.16 -25.85 -6.05
CA LYS B 41 -7.18 -25.03 -6.69
C LYS B 41 -6.57 -23.69 -7.11
N ASP B 42 -5.28 -23.71 -7.43
CA ASP B 42 -4.62 -22.53 -7.95
C ASP B 42 -5.01 -22.42 -9.42
N LYS B 43 -5.57 -21.28 -9.77
CA LYS B 43 -6.10 -21.06 -11.11
C LYS B 43 -4.96 -20.85 -12.10
N SER B 44 -4.99 -21.58 -13.21
CA SER B 44 -3.87 -21.67 -14.12
C SER B 44 -4.04 -20.84 -15.40
N SER B 45 -2.95 -20.24 -15.83
CA SER B 45 -2.89 -19.43 -17.03
C SER B 45 -2.73 -20.21 -18.34
N ILE B 46 -2.57 -21.54 -18.32
CA ILE B 46 -2.17 -22.20 -19.56
C ILE B 46 -3.29 -22.50 -20.56
N LYS B 47 -4.55 -22.18 -20.27
CA LYS B 47 -5.66 -22.40 -21.20
C LYS B 47 -5.77 -23.87 -21.63
N GLY B 48 -6.06 -24.72 -20.65
CA GLY B 48 -6.23 -26.14 -20.93
C GLY B 48 -5.98 -27.06 -19.76
N GLN B 49 -5.50 -26.54 -18.63
CA GLN B 49 -5.25 -27.35 -17.45
C GLN B 49 -5.95 -26.74 -16.22
N LYS B 50 -6.94 -25.88 -16.42
CA LYS B 50 -7.82 -25.33 -15.39
C LYS B 50 -7.06 -24.76 -14.21
N TYR B 51 -6.43 -25.66 -13.46
CA TYR B 51 -5.73 -25.36 -12.21
C TYR B 51 -4.26 -25.71 -12.37
N LYS B 52 -3.39 -24.95 -11.70
CA LYS B 52 -1.96 -25.26 -11.76
C LYS B 52 -1.67 -26.55 -11.02
N LYS B 53 -0.47 -27.06 -11.24
CA LYS B 53 -0.06 -28.28 -10.56
C LYS B 53 -0.22 -28.11 -9.06
N ALA B 54 -0.92 -29.05 -8.43
CA ALA B 54 -1.09 -29.01 -6.99
C ALA B 54 0.30 -29.07 -6.35
N HIS B 55 0.56 -28.16 -5.42
CA HIS B 55 1.90 -28.06 -4.82
C HIS B 55 1.81 -27.51 -3.40
N TYR B 56 2.91 -27.67 -2.66
CA TYR B 56 3.08 -27.04 -1.36
C TYR B 56 4.19 -26.00 -1.43
N HIS B 57 4.01 -24.89 -0.74
CA HIS B 57 5.11 -23.99 -0.45
C HIS B 57 5.59 -24.26 0.98
N VAL B 58 6.91 -24.27 1.17
CA VAL B 58 7.52 -24.52 2.47
C VAL B 58 8.39 -23.32 2.84
N LEU B 59 8.14 -22.74 4.00
CA LEU B 59 8.98 -21.68 4.53
C LEU B 59 10.01 -22.26 5.48
N TYR B 60 11.27 -21.92 5.25
CA TYR B 60 12.39 -22.55 5.94
C TYR B 60 13.30 -21.49 6.51
N ILE B 61 13.63 -21.57 7.80
CA ILE B 61 14.48 -20.55 8.40
C ILE B 61 15.66 -21.19 9.12
N ALA B 62 16.87 -20.97 8.60
CA ALA B 62 18.07 -21.36 9.31
C ALA B 62 18.31 -20.38 10.45
N LYS B 63 19.05 -20.82 11.46
CA LYS B 63 19.23 -19.99 12.65
C LYS B 63 20.28 -18.90 12.40
N ASN B 64 21.35 -19.26 11.72
CA ASN B 64 22.38 -18.34 11.28
C ASN B 64 22.24 -18.11 9.79
N PRO B 65 22.79 -17.01 9.28
CA PRO B 65 22.86 -16.86 7.82
C PRO B 65 23.67 -18.01 7.25
N VAL B 66 23.14 -18.66 6.22
CA VAL B 66 23.67 -19.91 5.71
C VAL B 66 23.65 -19.87 4.19
N THR B 67 24.40 -20.77 3.56
CA THR B 67 24.36 -20.83 2.11
C THR B 67 23.04 -21.44 1.64
N ALA B 68 22.59 -21.00 0.46
CA ALA B 68 21.34 -21.47 -0.11
C ALA B 68 21.44 -22.89 -0.63
N ASP B 69 22.55 -23.24 -1.29
CA ASP B 69 22.69 -24.59 -1.81
C ASP B 69 22.83 -25.60 -0.68
N SER B 70 23.42 -25.18 0.46
CA SER B 70 23.34 -25.98 1.68
C SER B 70 21.94 -26.49 1.90
N VAL B 71 20.95 -25.58 1.80
CA VAL B 71 19.55 -25.95 2.02
C VAL B 71 19.09 -26.89 0.92
N ARG B 72 19.54 -26.63 -0.31
CA ARG B 72 19.29 -27.57 -1.38
C ARG B 72 19.77 -28.96 -0.97
N LYS B 73 21.03 -29.05 -0.51
CA LYS B 73 21.63 -30.34 -0.21
C LYS B 73 20.80 -31.18 0.75
N LYS B 74 20.44 -30.61 1.91
CA LYS B 74 19.87 -31.40 3.00
C LYS B 74 18.47 -31.96 2.71
N ILE B 75 17.62 -31.18 2.06
CA ILE B 75 16.24 -31.60 1.83
C ILE B 75 16.16 -32.65 0.73
N LYS B 76 16.95 -32.49 -0.30
CA LYS B 76 16.97 -33.51 -1.34
C LYS B 76 17.41 -34.83 -0.70
N LEU B 77 18.41 -34.74 0.19
CA LEU B 77 18.92 -35.92 0.90
C LEU B 77 17.84 -36.59 1.71
N LEU B 78 17.12 -35.81 2.52
CA LEU B 78 16.16 -36.30 3.49
C LEU B 78 14.83 -36.70 2.87
N LEU B 79 14.45 -36.15 1.74
CA LEU B 79 13.12 -36.42 1.19
C LEU B 79 13.13 -37.26 -0.07
N GLY B 80 14.20 -37.19 -0.85
CA GLY B 80 14.32 -37.95 -2.08
C GLY B 80 14.77 -36.98 -3.13
N GLU B 81 15.74 -37.36 -3.95
CA GLU B 81 16.24 -36.38 -4.91
C GLU B 81 15.25 -36.02 -6.00
N LYS B 82 14.21 -36.82 -6.21
CA LYS B 82 13.22 -36.36 -7.16
C LYS B 82 12.22 -35.41 -6.49
N SER B 83 12.53 -34.94 -5.25
CA SER B 83 11.52 -34.16 -4.52
C SER B 83 11.50 -32.68 -4.94
N LEU B 84 12.65 -32.04 -5.10
CA LEU B 84 12.71 -30.62 -5.43
C LEU B 84 13.98 -30.34 -6.23
N ALA B 85 14.09 -29.12 -6.75
CA ALA B 85 15.21 -28.73 -7.59
C ALA B 85 15.95 -27.48 -7.07
N MET B 86 15.24 -26.38 -6.80
CA MET B 86 15.89 -25.13 -6.41
C MET B 86 15.30 -24.56 -5.13
N VAL B 87 16.15 -23.93 -4.33
CA VAL B 87 15.72 -23.19 -3.15
C VAL B 87 15.95 -21.71 -3.39
N GLN B 88 14.92 -20.91 -3.20
CA GLN B 88 14.98 -19.47 -3.39
C GLN B 88 15.22 -18.86 -2.02
N VAL B 89 15.53 -17.58 -1.95
CA VAL B 89 15.79 -16.96 -0.65
C VAL B 89 14.80 -15.84 -0.42
N VAL B 90 14.16 -15.83 0.75
CA VAL B 90 13.10 -14.88 1.01
C VAL B 90 13.70 -13.56 1.47
N LEU B 91 13.17 -12.47 0.92
CA LEU B 91 13.56 -11.12 1.29
C LEU B 91 12.49 -10.45 2.15
N ASN B 92 11.22 -10.78 1.95
CA ASN B 92 10.14 -10.35 2.84
C ASN B 92 9.38 -11.57 3.36
N VAL B 93 9.67 -12.00 4.60
CA VAL B 93 8.92 -13.13 5.18
C VAL B 93 7.46 -12.76 5.41
N GLU B 94 7.19 -11.49 5.74
CA GLU B 94 5.81 -11.01 5.86
C GLU B 94 4.98 -11.51 4.68
N ASN B 95 5.34 -11.10 3.46
CA ASN B 95 4.50 -11.48 2.33
C ASN B 95 4.63 -12.97 1.98
N MET B 96 5.81 -13.57 2.08
CA MET B 96 5.88 -14.99 1.75
C MET B 96 5.07 -15.82 2.76
N TYR B 97 5.08 -15.43 4.05
CA TYR B 97 4.25 -16.17 5.00
C TYR B 97 2.78 -16.04 4.61
N LEU B 98 2.33 -14.83 4.27
CA LEU B 98 0.93 -14.68 3.86
C LEU B 98 0.69 -15.33 2.51
N TYR B 99 1.71 -15.35 1.65
CA TYR B 99 1.57 -15.98 0.34
C TYR B 99 1.27 -17.47 0.46
N LEU B 100 1.67 -18.09 1.57
CA LEU B 100 1.27 -19.47 1.85
C LEU B 100 -0.24 -19.63 1.73
N THR B 101 -0.97 -18.55 1.98
CA THR B 101 -2.41 -18.55 2.01
C THR B 101 -3.03 -17.65 0.95
N HIS B 102 -2.20 -17.10 0.06
CA HIS B 102 -2.59 -16.08 -0.91
C HIS B 102 -3.28 -14.93 -0.20
N GLU B 103 -2.63 -14.53 0.90
CA GLU B 103 -3.05 -13.40 1.72
C GLU B 103 -2.01 -12.28 1.71
N SER B 104 -1.08 -12.33 0.79
CA SER B 104 -0.25 -11.18 0.57
C SER B 104 -1.10 -10.11 -0.08
N LYS B 105 -0.74 -8.85 0.15
CA LYS B 105 -1.49 -7.80 -0.53
C LYS B 105 -1.24 -7.87 -2.02
N ASP B 106 -0.02 -8.22 -2.38
CA ASP B 106 0.40 -8.09 -3.77
C ASP B 106 -0.22 -9.21 -4.61
N ALA B 107 -0.17 -10.45 -4.10
CA ALA B 107 -0.82 -11.56 -4.76
C ALA B 107 -2.33 -11.46 -4.69
N ILE B 108 -2.88 -11.07 -3.53
CA ILE B 108 -4.32 -10.84 -3.46
C ILE B 108 -4.74 -9.73 -4.41
N ALA B 109 -3.87 -8.75 -4.66
CA ALA B 109 -4.24 -7.69 -5.59
C ALA B 109 -4.37 -8.25 -7.01
N LYS B 110 -3.63 -9.31 -7.31
CA LYS B 110 -3.76 -10.08 -8.54
C LYS B 110 -4.71 -11.24 -8.33
N LYS B 111 -5.55 -11.11 -7.29
CA LYS B 111 -6.55 -12.07 -6.83
C LYS B 111 -5.83 -13.34 -6.36
N LYS B 112 -6.02 -14.47 -7.04
CA LYS B 112 -5.56 -15.83 -6.77
C LYS B 112 -6.40 -16.33 -5.59
N HIS B 113 -6.64 -17.64 -5.59
CA HIS B 113 -7.48 -18.32 -4.61
C HIS B 113 -6.94 -18.16 -3.19
N VAL B 114 -7.85 -17.90 -2.25
CA VAL B 114 -7.52 -17.83 -0.83
C VAL B 114 -7.70 -19.21 -0.21
N TYR B 115 -6.82 -19.54 0.75
CA TYR B 115 -6.89 -20.80 1.49
C TYR B 115 -7.00 -20.50 2.97
N ASP B 116 -7.46 -21.49 3.72
CA ASP B 116 -7.75 -21.23 5.12
C ASP B 116 -6.46 -21.48 5.90
N LYS B 117 -6.07 -20.46 6.68
CA LYS B 117 -4.79 -20.44 7.37
C LYS B 117 -4.71 -21.48 8.47
N ALA B 118 -5.83 -22.13 8.83
CA ALA B 118 -5.76 -23.24 9.76
C ALA B 118 -5.13 -24.47 9.10
N ASP B 119 -5.10 -24.51 7.76
CA ASP B 119 -4.46 -25.63 7.06
C ASP B 119 -2.94 -25.47 6.99
N ILE B 120 -2.42 -24.30 7.38
CA ILE B 120 -0.98 -24.14 7.58
C ILE B 120 -0.49 -25.03 8.72
N LYS B 121 0.60 -25.77 8.50
CA LYS B 121 1.29 -26.52 9.55
C LYS B 121 2.64 -25.88 9.86
N LEU B 122 2.86 -25.53 11.13
CA LEU B 122 4.14 -24.99 11.57
C LEU B 122 4.97 -26.08 12.25
N ILE B 123 6.27 -26.02 12.08
CA ILE B 123 7.19 -27.04 12.56
C ILE B 123 8.17 -26.34 13.50
N ASN B 124 8.45 -26.99 14.63
CA ASN B 124 9.48 -26.54 15.55
C ASN B 124 9.27 -25.09 16.00
N ASN B 125 8.01 -24.77 16.33
CA ASN B 125 7.66 -23.49 16.95
C ASN B 125 8.08 -22.31 16.08
N PHE B 126 7.73 -22.40 14.80
CA PHE B 126 7.95 -21.32 13.85
C PHE B 126 7.18 -20.09 14.36
N ASP B 127 7.92 -19.01 14.68
CA ASP B 127 7.32 -17.78 15.21
C ASP B 127 7.42 -16.71 14.13
N ILE B 128 6.28 -16.42 13.48
CA ILE B 128 6.32 -15.48 12.36
C ILE B 128 6.65 -14.08 12.87
N ASP B 129 6.11 -13.72 14.03
CA ASP B 129 6.32 -12.38 14.56
C ASP B 129 7.79 -12.13 14.91
N ARG B 130 8.54 -13.18 15.27
CA ARG B 130 9.93 -12.97 15.66
C ARG B 130 10.83 -12.72 14.45
N TYR B 131 10.50 -13.34 13.31
CA TYR B 131 11.39 -13.24 12.15
C TYR B 131 11.10 -11.96 11.39
N VAL B 132 9.89 -11.43 11.58
CA VAL B 132 9.54 -10.18 10.94
C VAL B 132 10.20 -9.05 11.70
N THR B 133 10.12 -9.11 13.03
CA THR B 133 10.66 -8.03 13.84
C THR B 133 12.16 -8.02 13.74
N LEU B 134 12.81 -9.18 13.71
CA LEU B 134 14.25 -9.15 13.53
C LEU B 134 14.63 -8.79 12.11
N ASP B 135 13.73 -8.96 11.14
CA ASP B 135 14.12 -8.55 9.81
C ASP B 135 14.12 -7.03 9.69
N VAL B 136 13.09 -6.39 10.24
CA VAL B 136 12.95 -4.95 10.06
C VAL B 136 14.06 -4.19 10.82
N GLU B 137 14.38 -4.60 12.05
CA GLU B 137 15.42 -3.90 12.77
C GLU B 137 16.82 -4.26 12.28
N GLU B 138 16.98 -5.37 11.57
CA GLU B 138 18.30 -5.66 11.03
C GLU B 138 18.51 -4.81 9.78
N LYS B 139 17.45 -4.74 8.93
CA LYS B 139 17.42 -3.93 7.71
C LYS B 139 17.45 -2.46 8.03
N THR B 140 16.78 -2.06 9.13
CA THR B 140 16.85 -0.67 9.54
C THR B 140 18.28 -0.31 9.85
N GLU B 141 19.00 -1.24 10.46
CA GLU B 141 20.37 -0.89 10.77
C GLU B 141 21.24 -0.90 9.53
N LEU B 142 21.01 -1.84 8.61
CA LEU B 142 21.82 -1.80 7.40
C LEU B 142 21.65 -0.45 6.73
N PHE B 143 20.43 0.06 6.74
CA PHE B 143 20.18 1.38 6.18
C PHE B 143 20.98 2.45 6.92
N ASN B 144 20.91 2.45 8.25
CA ASN B 144 21.65 3.42 9.05
C ASN B 144 23.14 3.33 8.78
N VAL B 145 23.63 2.13 8.51
CA VAL B 145 25.01 1.92 8.10
C VAL B 145 25.27 2.60 6.76
N VAL B 146 24.39 2.36 5.79
CA VAL B 146 24.52 2.97 4.47
C VAL B 146 24.53 4.49 4.59
N VAL B 147 23.67 5.04 5.45
CA VAL B 147 23.65 6.49 5.66
C VAL B 147 25.03 6.97 6.09
N SER B 148 25.59 6.34 7.12
CA SER B 148 26.86 6.79 7.67
C SER B 148 28.01 6.66 6.67
N LEU B 149 27.98 5.63 5.79
CA LEU B 149 28.97 5.54 4.73
C LEU B 149 28.83 6.68 3.73
N ILE B 150 27.58 7.05 3.42
CA ILE B 150 27.36 8.14 2.48
C ILE B 150 27.86 9.47 3.07
N ARG B 151 27.66 9.65 4.38
CA ARG B 151 28.21 10.83 5.04
C ARG B 151 29.74 10.81 5.02
N ALA B 152 30.34 9.76 5.60
CA ALA B 152 31.79 9.73 5.80
C ALA B 152 32.54 9.95 4.49
N TYR B 153 32.18 9.23 3.43
CA TYR B 153 32.93 9.27 2.18
C TYR B 153 32.26 10.14 1.13
N THR B 154 31.30 10.96 1.54
CA THR B 154 30.60 11.92 0.67
C THR B 154 30.30 11.33 -0.70
N LEU B 155 29.51 10.26 -0.66
CA LEU B 155 29.14 9.54 -1.86
C LEU B 155 28.00 10.28 -2.57
N GLN B 156 28.26 10.75 -3.80
CA GLN B 156 27.46 11.74 -4.51
C GLN B 156 26.26 11.17 -5.25
N ASN B 157 26.22 9.86 -5.45
CA ASN B 157 25.18 9.20 -6.24
C ASN B 157 25.29 7.71 -6.01
N ILE B 158 24.41 6.95 -6.66
CA ILE B 158 24.33 5.54 -6.38
C ILE B 158 25.45 4.77 -7.05
N PHE B 159 26.05 5.31 -8.11
CA PHE B 159 27.22 4.68 -8.72
C PHE B 159 28.42 4.69 -7.78
N ASP B 160 28.71 5.85 -7.18
CA ASP B 160 29.78 5.94 -6.18
C ASP B 160 29.55 4.95 -5.02
N LEU B 161 28.30 4.85 -4.56
CA LEU B 161 27.98 3.90 -3.49
C LEU B 161 28.24 2.46 -3.94
N TYR B 162 27.80 2.11 -5.16
CA TYR B 162 28.04 0.77 -5.67
C TYR B 162 29.52 0.47 -5.73
N ASP B 163 30.31 1.40 -6.27
CA ASP B 163 31.75 1.21 -6.32
C ASP B 163 32.31 1.01 -4.91
N PHE B 164 31.92 1.86 -3.97
CA PHE B 164 32.39 1.69 -2.61
C PHE B 164 32.03 0.31 -2.06
N ILE B 165 30.86 -0.23 -2.43
CA ILE B 165 30.45 -1.56 -1.98
C ILE B 165 31.36 -2.63 -2.58
N ASP B 166 31.63 -2.55 -3.88
CA ASP B 166 32.53 -3.50 -4.53
C ASP B 166 33.90 -3.51 -3.85
N GLU B 167 34.44 -2.33 -3.57
CA GLU B 167 35.76 -2.30 -2.95
C GLU B 167 35.69 -2.79 -1.52
N ASN B 168 34.71 -2.35 -0.74
CA ASN B 168 34.77 -2.55 0.71
C ASN B 168 33.51 -3.22 1.25
N GLY B 169 32.68 -3.82 0.38
CA GLY B 169 31.40 -4.37 0.84
C GLY B 169 31.55 -5.32 2.00
N GLU B 170 32.51 -6.25 1.90
CA GLU B 170 32.68 -7.28 2.92
C GLU B 170 32.99 -6.66 4.27
N THR B 171 33.79 -5.57 4.29
CA THR B 171 34.15 -4.92 5.56
C THR B 171 32.90 -4.53 6.34
N TYR B 172 31.81 -4.20 5.66
CA TYR B 172 30.63 -3.69 6.36
C TYR B 172 29.45 -4.64 6.22
N GLY B 173 29.70 -5.85 5.73
CA GLY B 173 28.69 -6.87 5.57
C GLY B 173 27.67 -6.49 4.52
N LEU B 174 28.14 -5.98 3.38
CA LEU B 174 27.27 -5.40 2.38
C LEU B 174 27.64 -5.93 1.01
N THR B 175 26.61 -6.25 0.23
CA THR B 175 26.78 -6.66 -1.14
C THR B 175 25.92 -5.76 -2.00
N ILE B 176 26.18 -5.78 -3.31
CA ILE B 176 25.36 -4.97 -4.21
C ILE B 176 23.90 -5.36 -4.06
N ASN B 177 23.61 -6.65 -4.18
CA ASN B 177 22.22 -7.07 -4.16
C ASN B 177 21.61 -6.80 -2.80
N LEU B 178 22.41 -6.77 -1.74
CA LEU B 178 21.84 -6.57 -0.43
C LEU B 178 21.50 -5.10 -0.20
N VAL B 179 22.30 -4.15 -0.72
CA VAL B 179 21.90 -2.74 -0.62
C VAL B 179 20.68 -2.47 -1.47
N ASN B 180 20.60 -3.12 -2.62
CA ASN B 180 19.41 -2.94 -3.46
C ASN B 180 18.15 -3.26 -2.68
N GLU B 181 18.18 -4.33 -1.86
CA GLU B 181 16.99 -4.62 -1.07
C GLU B 181 16.82 -3.61 0.06
N VAL B 182 17.93 -3.17 0.67
CA VAL B 182 17.78 -2.27 1.81
C VAL B 182 17.19 -0.95 1.36
N ILE B 183 17.59 -0.45 0.18
CA ILE B 183 17.20 0.90 -0.26
C ILE B 183 15.95 0.92 -1.13
N ALA B 184 15.51 -0.24 -1.62
CA ALA B 184 14.21 -0.31 -2.27
C ALA B 184 13.11 0.19 -1.33
N GLY B 185 12.24 1.03 -1.85
CA GLY B 185 11.24 1.61 -0.98
C GLY B 185 11.79 2.67 -0.05
N LYS B 186 13.03 3.11 -0.27
CA LYS B 186 13.57 4.26 0.43
C LYS B 186 14.24 5.22 -0.54
N THR B 187 13.81 5.22 -1.81
CA THR B 187 14.56 6.00 -2.79
C THR B 187 14.42 7.48 -2.54
N GLY B 188 13.30 7.93 -2.00
CA GLY B 188 13.18 9.33 -1.64
C GLY B 188 14.21 9.74 -0.60
N PHE B 189 14.44 8.87 0.40
CA PHE B 189 15.50 9.10 1.37
C PHE B 189 16.87 9.09 0.68
N MET B 190 17.10 8.13 -0.21
CA MET B 190 18.35 8.10 -0.97
C MET B 190 18.59 9.41 -1.69
N LYS B 191 17.55 9.94 -2.33
CA LYS B 191 17.72 11.17 -3.09
C LYS B 191 18.21 12.28 -2.16
N LEU B 192 17.63 12.37 -0.96
CA LEU B 192 18.05 13.39 -0.01
C LEU B 192 19.53 13.26 0.31
N LEU B 193 20.00 12.02 0.54
CA LEU B 193 21.38 11.78 0.92
C LEU B 193 22.35 12.18 -0.18
N PHE B 194 22.06 11.77 -1.42
CA PHE B 194 22.93 12.14 -2.53
C PHE B 194 22.89 13.63 -2.79
N ASP B 195 21.73 14.26 -2.66
CA ASP B 195 21.69 15.70 -2.83
C ASP B 195 22.61 16.35 -1.82
N GLY B 196 22.53 15.90 -0.56
CA GLY B 196 23.40 16.41 0.49
C GLY B 196 24.86 16.24 0.17
N ALA B 197 25.26 15.02 -0.20
CA ALA B 197 26.65 14.77 -0.56
C ALA B 197 27.06 15.66 -1.73
N TYR B 198 26.20 15.77 -2.74
CA TYR B 198 26.55 16.56 -3.91
C TYR B 198 26.86 18.01 -3.53
N GLN B 199 25.94 18.69 -2.83
CA GLN B 199 26.23 20.07 -2.47
C GLN B 199 27.43 20.16 -1.53
N ARG B 200 27.60 19.16 -0.64
CA ARG B 200 28.69 19.21 0.33
C ARG B 200 30.05 19.11 -0.37
N SER B 201 30.11 18.40 -1.50
CA SER B 201 31.34 18.31 -2.29
C SER B 201 31.57 19.53 -3.17
N LYS B 202 30.65 20.50 -3.18
CA LYS B 202 30.86 21.77 -3.86
C LYS B 202 31.15 22.87 -2.85
N ARG B 203 31.82 22.51 -1.75
CA ARG B 203 32.16 23.45 -0.68
C ARG B 203 33.68 23.55 -0.51
N LYS C 3 26.93 -15.17 -26.81
CA LYS C 3 25.84 -15.74 -27.60
C LYS C 3 24.50 -15.74 -26.83
N GLU C 4 23.40 -15.99 -27.57
CA GLU C 4 22.03 -16.10 -27.04
C GLU C 4 21.97 -16.95 -25.78
N LYS C 5 21.34 -16.42 -24.73
CA LYS C 5 21.38 -17.12 -23.45
C LYS C 5 19.91 -17.20 -23.00
N ALA C 6 19.40 -18.39 -22.69
CA ALA C 6 18.03 -18.47 -22.15
C ALA C 6 17.93 -19.58 -21.12
N ARG C 7 16.80 -19.61 -20.43
CA ARG C 7 16.57 -20.62 -19.41
C ARG C 7 15.84 -21.83 -19.97
N TYR C 8 15.07 -21.63 -21.04
CA TYR C 8 14.26 -22.67 -21.68
C TYR C 8 14.86 -23.08 -23.02
N PHE C 9 14.99 -24.40 -23.27
CA PHE C 9 15.55 -24.98 -24.48
C PHE C 9 14.72 -26.17 -24.94
N THR C 10 14.91 -26.62 -26.19
CA THR C 10 14.30 -27.88 -26.64
C THR C 10 15.19 -28.59 -27.65
N PHE C 11 14.94 -29.89 -27.85
CA PHE C 11 15.69 -30.71 -28.81
C PHE C 11 14.86 -31.96 -29.14
N LEU C 12 15.29 -32.69 -30.18
CA LEU C 12 14.59 -33.88 -30.65
C LEU C 12 15.37 -35.15 -30.35
N LEU C 13 14.67 -36.26 -30.08
CA LEU C 13 15.30 -37.57 -29.92
C LEU C 13 14.62 -38.60 -30.80
N TYR C 14 15.44 -39.44 -31.45
CA TYR C 14 14.96 -40.51 -32.32
C TYR C 14 15.26 -41.86 -31.70
N PRO C 15 14.26 -42.74 -31.56
CA PRO C 15 14.52 -44.07 -30.98
C PRO C 15 15.64 -44.87 -31.63
N GLU C 16 15.71 -44.87 -32.97
CA GLU C 16 16.70 -45.68 -33.67
C GLU C 16 18.14 -45.38 -33.23
N SER C 17 18.44 -44.13 -32.87
CA SER C 17 19.82 -43.67 -32.68
C SER C 17 20.13 -43.28 -31.23
N ILE C 18 19.32 -43.78 -30.30
CA ILE C 18 19.54 -43.54 -28.86
C ILE C 18 19.17 -44.93 -28.15
N PRO C 19 19.86 -45.04 -27.00
CA PRO C 19 19.63 -46.33 -26.28
C PRO C 19 18.20 -46.52 -25.80
N SER C 20 17.86 -47.76 -25.46
CA SER C 20 16.52 -48.10 -24.97
C SER C 20 16.21 -47.47 -23.62
N ASP C 21 17.24 -47.18 -22.83
CA ASP C 21 17.17 -46.72 -21.45
C ASP C 21 17.14 -45.21 -21.34
N TRP C 22 16.94 -44.52 -22.46
CA TRP C 22 17.18 -43.10 -22.67
C TRP C 22 16.36 -42.27 -21.73
N GLU C 23 15.20 -42.83 -21.43
CA GLU C 23 14.17 -42.21 -20.63
C GLU C 23 14.70 -41.88 -19.24
N LEU C 24 15.31 -42.88 -18.59
CA LEU C 24 15.88 -42.73 -17.24
C LEU C 24 17.20 -41.95 -17.28
N LYS C 25 18.00 -42.11 -18.33
CA LYS C 25 19.27 -41.39 -18.40
C LYS C 25 18.99 -39.89 -18.55
N LEU C 26 17.84 -39.55 -19.18
CA LEU C 26 17.41 -38.16 -19.19
C LEU C 26 17.20 -37.67 -17.77
N GLU C 27 16.67 -38.54 -16.89
CA GLU C 27 16.43 -38.20 -15.49
C GLU C 27 17.71 -37.97 -14.69
N THR C 28 18.81 -38.67 -15.06
CA THR C 28 20.10 -38.51 -14.37
C THR C 28 20.47 -37.04 -14.27
N LEU C 29 20.02 -36.22 -15.21
CA LEU C 29 20.40 -34.82 -15.21
C LEU C 29 19.70 -34.02 -14.11
N GLY C 30 18.62 -34.51 -13.51
CA GLY C 30 17.98 -33.77 -12.42
C GLY C 30 17.27 -32.53 -12.91
N VAL C 31 16.87 -32.52 -14.18
CA VAL C 31 16.34 -31.33 -14.84
C VAL C 31 14.85 -31.48 -15.12
N PRO C 32 14.05 -30.43 -15.03
CA PRO C 32 12.65 -30.57 -15.44
C PRO C 32 12.58 -30.74 -16.94
N MET C 33 11.77 -31.70 -17.38
CA MET C 33 11.66 -31.97 -18.81
C MET C 33 10.25 -32.44 -19.11
N ALA C 34 9.75 -32.06 -20.28
CA ALA C 34 8.51 -32.59 -20.82
C ALA C 34 8.86 -33.39 -22.08
N ILE C 35 8.40 -34.65 -22.13
CA ILE C 35 8.65 -35.53 -23.26
C ILE C 35 7.34 -35.64 -24.02
N SER C 36 7.36 -35.28 -25.31
CA SER C 36 6.16 -35.34 -26.14
C SER C 36 5.76 -36.79 -26.41
N PRO C 37 4.53 -37.01 -26.87
CA PRO C 37 4.19 -38.34 -27.40
C PRO C 37 5.02 -38.62 -28.64
N LEU C 38 5.32 -39.90 -28.86
CA LEU C 38 6.14 -40.29 -30.00
C LEU C 38 5.47 -39.89 -31.31
N HIS C 39 6.21 -39.17 -32.18
CA HIS C 39 5.74 -38.68 -33.47
C HIS C 39 5.99 -39.67 -34.60
N ASP C 40 5.10 -40.65 -34.76
CA ASP C 40 5.24 -41.64 -35.82
C ASP C 40 4.27 -41.39 -36.97
N LYS C 41 3.52 -40.28 -36.92
CA LYS C 41 2.47 -40.00 -37.89
C LYS C 41 2.58 -38.57 -38.42
N ASP C 42 3.80 -38.04 -38.47
CA ASP C 42 4.10 -36.72 -39.03
C ASP C 42 4.27 -36.76 -40.55
N LYS C 43 3.70 -35.78 -41.23
CA LYS C 43 3.79 -35.74 -42.69
C LYS C 43 5.21 -35.44 -43.13
N SER C 44 5.68 -36.19 -44.13
CA SER C 44 7.07 -36.13 -44.60
C SER C 44 7.14 -35.24 -45.84
N SER C 45 8.19 -34.40 -45.92
CA SER C 45 8.34 -33.50 -47.06
C SER C 45 8.87 -34.25 -48.28
N ILE C 46 9.36 -35.47 -48.05
CA ILE C 46 9.90 -36.28 -49.12
C ILE C 46 8.78 -36.89 -49.93
N LYS C 47 8.65 -36.47 -51.18
CA LYS C 47 7.70 -37.05 -52.11
C LYS C 47 7.97 -38.54 -52.19
N GLY C 48 6.93 -39.32 -52.00
CA GLY C 48 7.12 -40.75 -52.05
C GLY C 48 7.20 -41.37 -50.68
N GLN C 49 7.22 -40.54 -49.64
CA GLN C 49 7.19 -41.00 -48.27
C GLN C 49 5.93 -40.49 -47.58
N LYS C 50 5.43 -41.32 -46.67
CA LYS C 50 4.25 -41.02 -45.88
C LYS C 50 4.57 -40.31 -44.57
N TYR C 51 5.33 -40.93 -43.66
CA TYR C 51 5.55 -40.37 -42.34
C TYR C 51 7.03 -40.07 -42.11
N LYS C 52 7.31 -39.02 -41.33
CA LYS C 52 8.69 -38.76 -40.93
C LYS C 52 9.15 -39.84 -39.97
N LYS C 53 10.46 -39.89 -39.76
CA LYS C 53 11.02 -40.79 -38.77
C LYS C 53 10.39 -40.51 -37.42
N ALA C 54 10.01 -41.57 -36.71
CA ALA C 54 9.44 -41.43 -35.38
C ALA C 54 10.41 -40.65 -34.49
N HIS C 55 9.90 -39.62 -33.81
CA HIS C 55 10.76 -38.78 -32.99
C HIS C 55 10.00 -38.29 -31.76
N TYR C 56 10.76 -37.89 -30.73
CA TYR C 56 10.25 -37.24 -29.53
C TYR C 56 10.70 -35.78 -29.52
N HIS C 57 9.86 -34.90 -28.99
CA HIS C 57 10.27 -33.55 -28.61
C HIS C 57 10.53 -33.54 -27.12
N VAL C 58 11.62 -32.87 -26.71
CA VAL C 58 12.02 -32.74 -25.31
C VAL C 58 12.14 -31.26 -24.94
N LEU C 59 11.43 -30.84 -23.89
CA LEU C 59 11.53 -29.50 -23.32
C LEU C 59 12.46 -29.54 -22.11
N TYR C 60 13.48 -28.69 -22.11
CA TYR C 60 14.58 -28.77 -21.12
C TYR C 60 14.77 -27.43 -20.42
N ILE C 61 14.71 -27.46 -19.07
CA ILE C 61 14.69 -26.30 -18.17
C ILE C 61 15.94 -26.25 -17.26
N ALA C 62 16.86 -25.33 -17.53
CA ALA C 62 17.94 -25.10 -16.56
C ALA C 62 17.53 -24.01 -15.56
N LYS C 63 18.24 -23.90 -14.41
CA LYS C 63 17.98 -22.80 -13.46
C LYS C 63 18.77 -21.54 -13.84
N ASN C 64 20.10 -21.55 -13.65
CA ASN C 64 20.89 -20.41 -14.13
C ASN C 64 20.78 -20.39 -15.65
N PRO C 65 20.49 -19.25 -16.26
CA PRO C 65 20.44 -19.19 -17.73
C PRO C 65 21.77 -19.62 -18.35
N VAL C 66 21.68 -20.50 -19.35
CA VAL C 66 22.83 -21.12 -19.99
C VAL C 66 22.62 -20.93 -21.48
N THR C 67 23.70 -21.03 -22.25
CA THR C 67 23.58 -20.88 -23.69
C THR C 67 23.17 -22.22 -24.33
N ALA C 68 23.01 -22.19 -25.66
CA ALA C 68 22.58 -23.36 -26.43
C ALA C 68 23.63 -24.46 -26.45
N ASP C 69 24.91 -24.12 -26.69
CA ASP C 69 25.89 -25.18 -26.87
C ASP C 69 26.04 -26.01 -25.61
N SER C 70 26.08 -25.34 -24.45
CA SER C 70 26.14 -26.02 -23.14
C SER C 70 25.19 -27.20 -23.07
N VAL C 71 23.90 -26.95 -23.33
CA VAL C 71 22.88 -28.00 -23.19
C VAL C 71 23.09 -29.09 -24.25
N ARG C 72 23.40 -28.69 -25.49
CA ARG C 72 23.69 -29.66 -26.55
C ARG C 72 24.81 -30.57 -26.09
N LYS C 73 25.82 -29.99 -25.46
CA LYS C 73 26.97 -30.73 -25.01
C LYS C 73 26.62 -31.80 -23.96
N LYS C 74 25.88 -31.46 -22.90
CA LYS C 74 25.66 -32.45 -21.85
C LYS C 74 24.74 -33.59 -22.32
N ILE C 75 23.68 -33.28 -23.08
CA ILE C 75 22.78 -34.37 -23.49
C ILE C 75 23.44 -35.22 -24.56
N LYS C 76 24.29 -34.61 -25.41
CA LYS C 76 25.08 -35.40 -26.34
C LYS C 76 25.96 -36.38 -25.57
N LEU C 77 26.64 -35.90 -24.52
CA LEU C 77 27.47 -36.75 -23.67
C LEU C 77 26.62 -37.84 -23.01
N LEU C 78 25.39 -37.49 -22.64
CA LEU C 78 24.53 -38.39 -21.89
C LEU C 78 24.11 -39.57 -22.73
N LEU C 79 23.84 -39.36 -24.02
CA LEU C 79 23.19 -40.41 -24.81
C LEU C 79 24.10 -41.03 -25.84
N GLY C 80 25.11 -40.31 -26.28
CA GLY C 80 26.01 -40.75 -27.31
C GLY C 80 26.13 -39.58 -28.26
N GLU C 81 27.21 -39.58 -29.04
CA GLU C 81 27.45 -38.46 -29.94
C GLU C 81 26.56 -38.52 -31.19
N LYS C 82 26.09 -39.73 -31.51
CA LYS C 82 25.14 -39.93 -32.61
C LYS C 82 23.70 -39.75 -32.13
N SER C 83 23.53 -39.05 -30.99
CA SER C 83 22.23 -38.87 -30.34
C SER C 83 21.44 -37.65 -30.82
N LEU C 84 22.12 -36.55 -31.15
CA LEU C 84 21.43 -35.30 -31.43
C LEU C 84 22.22 -34.51 -32.46
N ALA C 85 21.60 -33.41 -32.89
CA ALA C 85 22.21 -32.47 -33.83
C ALA C 85 22.30 -31.10 -33.18
N MET C 86 21.23 -30.30 -33.21
CA MET C 86 21.19 -28.96 -32.64
C MET C 86 20.20 -28.87 -31.48
N VAL C 87 20.32 -27.80 -30.70
CA VAL C 87 19.33 -27.46 -29.66
C VAL C 87 18.75 -26.06 -29.91
N GLN C 88 17.43 -25.97 -29.97
CA GLN C 88 16.69 -24.70 -30.05
C GLN C 88 16.53 -24.00 -28.72
N VAL C 89 16.57 -22.68 -28.78
CA VAL C 89 16.26 -21.84 -27.63
C VAL C 89 14.78 -21.53 -27.73
N VAL C 90 14.04 -21.76 -26.65
CA VAL C 90 12.62 -21.63 -26.83
C VAL C 90 12.24 -20.24 -26.30
N LEU C 91 11.42 -19.51 -27.04
CA LEU C 91 11.07 -18.13 -26.68
C LEU C 91 9.68 -17.96 -26.07
N ASN C 92 8.70 -18.75 -26.49
CA ASN C 92 7.43 -18.84 -25.80
C ASN C 92 7.23 -20.32 -25.45
N VAL C 93 7.69 -20.74 -24.26
CA VAL C 93 7.65 -22.14 -23.81
C VAL C 93 6.22 -22.63 -23.73
N GLU C 94 5.30 -21.70 -23.47
CA GLU C 94 3.92 -22.11 -23.37
C GLU C 94 3.46 -22.68 -24.70
N ASN C 95 3.87 -22.04 -25.81
CA ASN C 95 3.52 -22.55 -27.14
C ASN C 95 4.34 -23.80 -27.51
N MET C 96 5.62 -23.87 -27.12
CA MET C 96 6.40 -25.06 -27.44
C MET C 96 5.84 -26.28 -26.71
N TYR C 97 5.34 -26.07 -25.48
CA TYR C 97 4.68 -27.15 -24.74
C TYR C 97 3.46 -27.64 -25.50
N LEU C 98 2.69 -26.73 -26.08
CA LEU C 98 1.51 -27.10 -26.86
C LEU C 98 1.89 -27.81 -28.15
N TYR C 99 3.02 -27.43 -28.75
CA TYR C 99 3.49 -28.05 -29.98
C TYR C 99 3.81 -29.53 -29.77
N LEU C 100 4.22 -29.93 -28.55
CA LEU C 100 4.51 -31.33 -28.27
C LEU C 100 3.37 -32.24 -28.66
N THR C 101 2.15 -31.70 -28.72
CA THR C 101 0.94 -32.41 -29.12
C THR C 101 0.41 -31.87 -30.44
N HIS C 102 1.20 -31.02 -31.08
CA HIS C 102 0.80 -30.29 -32.27
C HIS C 102 -0.53 -29.56 -32.03
N GLU C 103 -0.64 -28.95 -30.84
CA GLU C 103 -1.82 -28.20 -30.44
C GLU C 103 -1.52 -26.73 -30.21
N SER C 104 -0.32 -26.27 -30.57
CA SER C 104 0.01 -24.85 -30.48
C SER C 104 -0.77 -24.07 -31.52
N LYS C 105 -0.81 -22.75 -31.32
CA LYS C 105 -1.59 -21.88 -32.19
C LYS C 105 -1.13 -21.98 -33.64
N ASP C 106 0.11 -22.39 -33.89
CA ASP C 106 0.58 -22.64 -35.26
C ASP C 106 0.41 -24.09 -35.73
N ALA C 107 0.54 -25.10 -34.89
CA ALA C 107 0.38 -26.48 -35.36
C ALA C 107 -1.07 -26.78 -35.73
N ILE C 108 -2.03 -26.40 -34.88
CA ILE C 108 -3.44 -26.58 -35.20
C ILE C 108 -3.81 -25.76 -36.43
N ALA C 109 -3.08 -24.65 -36.67
CA ALA C 109 -3.22 -23.74 -37.80
C ALA C 109 -2.73 -24.28 -39.16
N LYS C 110 -1.75 -25.21 -39.16
CA LYS C 110 -1.23 -25.83 -40.37
C LYS C 110 -1.66 -27.29 -40.55
N LYS C 111 -2.73 -27.71 -39.86
CA LYS C 111 -3.35 -29.03 -39.97
C LYS C 111 -2.39 -30.17 -39.68
N LYS C 112 -1.50 -29.97 -38.70
CA LYS C 112 -0.53 -30.98 -38.30
C LYS C 112 -1.21 -32.05 -37.44
N HIS C 113 -0.66 -33.26 -37.51
CA HIS C 113 -1.26 -34.37 -36.76
C HIS C 113 -1.28 -34.06 -35.27
N VAL C 114 -2.44 -34.24 -34.65
CA VAL C 114 -2.59 -33.97 -33.23
C VAL C 114 -2.24 -35.22 -32.44
N TYR C 115 -1.69 -35.02 -31.24
CA TYR C 115 -1.27 -36.11 -30.40
C TYR C 115 -2.01 -36.06 -29.09
N ASP C 116 -1.94 -37.19 -28.36
CA ASP C 116 -2.65 -37.37 -27.10
C ASP C 116 -1.83 -36.74 -25.98
N LYS C 117 -2.45 -35.83 -25.22
CA LYS C 117 -1.73 -35.10 -24.19
C LYS C 117 -1.41 -36.00 -22.99
N ALA C 118 -2.09 -37.16 -22.88
CA ALA C 118 -1.79 -38.08 -21.78
C ALA C 118 -0.46 -38.80 -21.97
N ASP C 119 0.05 -38.83 -23.20
CA ASP C 119 1.33 -39.49 -23.45
C ASP C 119 2.49 -38.56 -23.12
N ILE C 120 2.22 -37.29 -22.82
CA ILE C 120 3.26 -36.40 -22.32
C ILE C 120 3.74 -36.95 -20.98
N LYS C 121 5.03 -37.23 -20.88
CA LYS C 121 5.63 -37.63 -19.62
C LYS C 121 6.39 -36.45 -19.04
N LEU C 122 6.06 -36.08 -17.81
CA LEU C 122 6.77 -35.02 -17.15
C LEU C 122 7.82 -35.62 -16.23
N ILE C 123 8.96 -34.95 -16.14
CA ILE C 123 10.11 -35.48 -15.44
C ILE C 123 10.64 -34.43 -14.48
N ASN C 124 11.01 -34.86 -13.27
CA ASN C 124 11.70 -34.03 -12.29
C ASN C 124 10.91 -32.76 -11.95
N ASN C 125 9.63 -32.96 -11.61
CA ASN C 125 8.76 -31.88 -11.13
C ASN C 125 8.65 -30.76 -12.15
N PHE C 126 8.52 -31.15 -13.41
CA PHE C 126 8.23 -30.19 -14.46
C PHE C 126 6.84 -29.65 -14.20
N ASP C 127 6.73 -28.35 -13.92
CA ASP C 127 5.45 -27.68 -13.70
C ASP C 127 5.42 -26.52 -14.68
N ILE C 128 4.59 -26.65 -15.71
CA ILE C 128 4.65 -25.68 -16.80
C ILE C 128 4.31 -24.29 -16.29
N ASP C 129 3.40 -24.22 -15.32
CA ASP C 129 2.93 -22.92 -14.84
C ASP C 129 4.04 -22.10 -14.18
N ARG C 130 5.08 -22.72 -13.61
CA ARG C 130 6.09 -21.86 -13.01
C ARG C 130 6.96 -21.21 -14.07
N TYR C 131 6.85 -21.63 -15.34
CA TYR C 131 7.78 -21.10 -16.33
C TYR C 131 7.18 -19.94 -17.11
N VAL C 132 5.86 -19.84 -17.17
CA VAL C 132 5.21 -18.74 -17.85
C VAL C 132 4.89 -17.57 -16.93
N THR C 133 5.22 -17.65 -15.63
CA THR C 133 4.73 -16.59 -14.73
C THR C 133 5.81 -15.68 -14.19
N LEU C 134 6.99 -16.18 -13.85
CA LEU C 134 8.10 -15.32 -13.41
C LEU C 134 7.68 -14.51 -12.18
N ASP C 135 7.55 -15.24 -11.09
CA ASP C 135 7.17 -14.72 -9.79
C ASP C 135 8.33 -14.00 -9.08
N VAL C 136 7.95 -13.02 -8.23
CA VAL C 136 8.73 -12.02 -7.46
C VAL C 136 10.23 -12.29 -7.26
N GLU C 137 10.56 -13.54 -6.99
CA GLU C 137 11.95 -13.92 -6.81
C GLU C 137 12.69 -13.81 -8.13
N GLU C 138 12.01 -14.15 -9.21
CA GLU C 138 12.61 -14.01 -10.52
C GLU C 138 12.74 -12.55 -10.91
N LYS C 139 11.73 -11.75 -10.54
CA LYS C 139 11.73 -10.34 -10.89
C LYS C 139 12.87 -9.62 -10.17
N THR C 140 13.18 -10.03 -8.93
CA THR C 140 14.28 -9.41 -8.20
C THR C 140 15.62 -9.72 -8.85
N GLU C 141 15.79 -10.95 -9.34
CA GLU C 141 17.05 -11.29 -9.97
C GLU C 141 17.18 -10.54 -11.28
N LEU C 142 16.09 -10.45 -12.03
CA LEU C 142 16.10 -9.71 -13.29
C LEU C 142 16.39 -8.24 -13.06
N PHE C 143 15.82 -7.66 -12.00
CA PHE C 143 16.09 -6.27 -11.70
C PHE C 143 17.57 -6.04 -11.43
N ASN C 144 18.16 -6.86 -10.57
CA ASN C 144 19.57 -6.69 -10.23
C ASN C 144 20.42 -6.77 -11.49
N VAL C 145 20.00 -7.58 -12.45
CA VAL C 145 20.71 -7.64 -13.73
C VAL C 145 20.64 -6.30 -14.44
N VAL C 146 19.42 -5.75 -14.55
CA VAL C 146 19.27 -4.44 -15.22
C VAL C 146 20.18 -3.42 -14.56
N VAL C 147 20.29 -3.47 -13.24
CA VAL C 147 21.18 -2.54 -12.53
C VAL C 147 22.59 -2.66 -13.09
N SER C 148 23.13 -3.88 -13.09
CA SER C 148 24.53 -4.07 -13.50
C SER C 148 24.73 -3.62 -14.94
N LEU C 149 23.70 -3.79 -15.78
CA LEU C 149 23.81 -3.29 -17.14
C LEU C 149 23.92 -1.77 -17.17
N ILE C 150 23.13 -1.08 -16.34
CA ILE C 150 23.17 0.38 -16.33
C ILE C 150 24.51 0.88 -15.81
N ARG C 151 25.10 0.14 -14.85
CA ARG C 151 26.45 0.43 -14.35
C ARG C 151 27.49 0.19 -15.44
N ALA C 152 27.53 -1.04 -15.97
CA ALA C 152 28.59 -1.45 -16.89
C ALA C 152 28.70 -0.49 -18.06
N TYR C 153 27.56 -0.20 -18.71
CA TYR C 153 27.55 0.55 -19.95
C TYR C 153 27.08 1.99 -19.76
N THR C 154 27.08 2.49 -18.52
CA THR C 154 26.78 3.89 -18.18
C THR C 154 25.59 4.40 -18.99
N LEU C 155 24.44 3.75 -18.78
CA LEU C 155 23.20 4.04 -19.51
C LEU C 155 22.45 5.20 -18.85
N GLN C 156 22.36 6.31 -19.57
CA GLN C 156 21.99 7.61 -18.99
C GLN C 156 20.49 7.83 -18.85
N ASN C 157 19.66 7.00 -19.49
CA ASN C 157 18.22 7.20 -19.48
C ASN C 157 17.57 5.94 -20.02
N ILE C 158 16.24 5.92 -20.03
CA ILE C 158 15.58 4.66 -20.32
C ILE C 158 15.62 4.36 -21.82
N PHE C 159 15.80 5.39 -22.66
CA PHE C 159 15.95 5.17 -24.09
C PHE C 159 17.26 4.43 -24.39
N ASP C 160 18.38 4.88 -23.82
CA ASP C 160 19.64 4.16 -23.96
C ASP C 160 19.49 2.72 -23.49
N LEU C 161 18.77 2.51 -22.38
CA LEU C 161 18.55 1.16 -21.88
C LEU C 161 17.76 0.35 -22.88
N TYR C 162 16.70 0.94 -23.43
CA TYR C 162 15.84 0.24 -24.38
C TYR C 162 16.62 -0.18 -25.62
N ASP C 163 17.42 0.75 -26.17
CA ASP C 163 18.22 0.45 -27.36
C ASP C 163 19.13 -0.74 -27.07
N PHE C 164 19.80 -0.72 -25.92
CA PHE C 164 20.71 -1.78 -25.56
C PHE C 164 20.00 -3.13 -25.46
N ILE C 165 18.78 -3.15 -24.91
CA ILE C 165 18.02 -4.39 -24.80
C ILE C 165 17.66 -4.89 -26.19
N ASP C 166 17.28 -3.97 -27.08
CA ASP C 166 16.99 -4.34 -28.46
C ASP C 166 18.18 -5.06 -29.09
N GLU C 167 19.39 -4.52 -28.88
CA GLU C 167 20.60 -5.09 -29.47
C GLU C 167 21.01 -6.39 -28.80
N ASN C 168 21.05 -6.41 -27.46
CA ASN C 168 21.71 -7.48 -26.73
C ASN C 168 20.78 -8.13 -25.70
N GLY C 169 19.47 -7.95 -25.84
CA GLY C 169 18.53 -8.41 -24.83
C GLY C 169 18.65 -9.89 -24.51
N GLU C 170 18.70 -10.72 -25.54
CA GLU C 170 18.67 -12.17 -25.33
C GLU C 170 19.91 -12.67 -24.59
N THR C 171 21.07 -12.03 -24.79
CA THR C 171 22.30 -12.43 -24.08
C THR C 171 22.07 -12.50 -22.56
N TYR C 172 21.16 -11.69 -22.02
CA TYR C 172 20.85 -11.69 -20.60
C TYR C 172 19.38 -12.02 -20.37
N GLY C 173 18.71 -12.57 -21.38
CA GLY C 173 17.34 -13.03 -21.21
C GLY C 173 16.37 -11.92 -20.97
N LEU C 174 16.45 -10.86 -21.79
CA LEU C 174 15.67 -9.65 -21.57
C LEU C 174 14.98 -9.19 -22.85
N THR C 175 13.74 -8.76 -22.70
CA THR C 175 12.96 -8.13 -23.74
C THR C 175 12.53 -6.77 -23.21
N ILE C 176 12.08 -5.90 -24.12
CA ILE C 176 11.58 -4.60 -23.66
C ILE C 176 10.35 -4.81 -22.79
N ASN C 177 9.40 -5.62 -23.25
CA ASN C 177 8.19 -5.82 -22.46
C ASN C 177 8.54 -6.49 -21.14
N LEU C 178 9.70 -7.17 -21.08
CA LEU C 178 10.11 -7.77 -19.81
C LEU C 178 10.58 -6.71 -18.83
N VAL C 179 11.49 -5.81 -19.28
CA VAL C 179 12.03 -4.80 -18.38
C VAL C 179 10.93 -3.86 -17.91
N ASN C 180 9.94 -3.56 -18.79
CA ASN C 180 8.79 -2.77 -18.34
C ASN C 180 8.15 -3.41 -17.12
N GLU C 181 7.99 -4.74 -17.15
CA GLU C 181 7.36 -5.43 -16.03
C GLU C 181 8.28 -5.38 -14.81
N VAL C 182 9.58 -5.54 -15.03
CA VAL C 182 10.57 -5.62 -13.97
C VAL C 182 10.75 -4.28 -13.27
N ILE C 183 10.74 -3.18 -14.02
CA ILE C 183 11.01 -1.88 -13.43
C ILE C 183 9.74 -1.19 -12.96
N ALA C 184 8.57 -1.70 -13.35
CA ALA C 184 7.29 -1.17 -12.88
C ALA C 184 7.26 -1.12 -11.36
N GLY C 185 6.89 0.03 -10.83
CA GLY C 185 6.92 0.23 -9.40
C GLY C 185 8.31 0.38 -8.84
N LYS C 186 9.31 0.60 -9.67
CA LYS C 186 10.65 0.85 -9.21
C LYS C 186 11.26 2.06 -9.90
N THR C 187 10.42 3.00 -10.34
CA THR C 187 10.90 4.12 -11.15
C THR C 187 11.80 5.08 -10.34
N GLY C 188 11.54 5.22 -9.04
CA GLY C 188 12.41 6.03 -8.22
C GLY C 188 13.80 5.44 -8.16
N PHE C 189 13.89 4.13 -8.02
CA PHE C 189 15.19 3.48 -8.11
C PHE C 189 15.80 3.73 -9.49
N MET C 190 14.98 3.59 -10.55
CA MET C 190 15.43 3.86 -11.91
C MET C 190 15.99 5.27 -12.03
N LYS C 191 15.34 6.25 -11.39
CA LYS C 191 15.83 7.62 -11.48
C LYS C 191 17.22 7.73 -10.86
N LEU C 192 17.43 7.12 -9.68
CA LEU C 192 18.74 7.17 -9.04
C LEU C 192 19.82 6.58 -9.96
N LEU C 193 19.54 5.47 -10.64
CA LEU C 193 20.55 4.87 -11.50
C LEU C 193 20.88 5.81 -12.65
N PHE C 194 19.84 6.29 -13.36
CA PHE C 194 20.07 7.19 -14.48
C PHE C 194 20.74 8.47 -14.03
N ASP C 195 20.38 8.99 -12.85
CA ASP C 195 21.07 10.17 -12.32
C ASP C 195 22.56 9.88 -12.13
N GLY C 196 22.86 8.75 -11.48
CA GLY C 196 24.25 8.31 -11.34
C GLY C 196 24.97 8.14 -12.66
N ALA C 197 24.34 7.42 -13.60
CA ALA C 197 24.97 7.27 -14.90
C ALA C 197 25.27 8.63 -15.51
N TYR C 198 24.30 9.55 -15.42
CA TYR C 198 24.45 10.85 -16.03
C TYR C 198 25.67 11.56 -15.47
N GLN C 199 25.80 11.62 -14.15
CA GLN C 199 26.96 12.26 -13.54
C GLN C 199 28.25 11.57 -13.96
N ARG C 200 28.20 10.24 -14.10
CA ARG C 200 29.40 9.47 -14.44
C ARG C 200 29.85 9.79 -15.85
N SER C 201 28.90 10.05 -16.75
CA SER C 201 29.32 10.36 -18.10
C SER C 201 29.79 11.81 -18.27
N LYS C 202 29.68 12.75 -17.29
CA LYS C 202 30.45 13.97 -17.54
C LYS C 202 31.69 13.95 -16.68
N ARG C 203 32.20 12.77 -16.27
CA ARG C 203 33.41 12.68 -15.40
C ARG C 203 34.63 12.86 -16.30
N LYS D 5 -16.04 3.93 -26.17
CA LYS D 5 -17.04 2.91 -25.90
C LYS D 5 -16.43 1.84 -24.99
N ALA D 6 -17.26 0.98 -24.41
CA ALA D 6 -16.72 0.00 -23.49
C ALA D 6 -17.28 -1.39 -23.74
N ARG D 7 -16.87 -2.30 -22.86
CA ARG D 7 -17.22 -3.71 -22.88
C ARG D 7 -18.10 -4.10 -21.70
N TYR D 8 -18.14 -3.31 -20.64
CA TYR D 8 -18.93 -3.60 -19.45
C TYR D 8 -20.07 -2.59 -19.31
N PHE D 9 -21.29 -3.10 -19.11
CA PHE D 9 -22.46 -2.25 -19.06
C PHE D 9 -23.39 -2.66 -17.93
N THR D 10 -24.16 -1.69 -17.44
CA THR D 10 -25.18 -1.91 -16.44
C THR D 10 -26.53 -1.37 -16.92
N PHE D 11 -27.59 -1.98 -16.43
CA PHE D 11 -28.93 -1.45 -16.61
C PHE D 11 -29.84 -2.09 -15.59
N LEU D 12 -31.13 -1.79 -15.70
CA LEU D 12 -32.05 -2.10 -14.62
C LEU D 12 -33.44 -2.37 -15.15
N LEU D 13 -34.02 -3.48 -14.73
CA LEU D 13 -35.37 -3.83 -15.14
C LEU D 13 -36.28 -3.92 -13.92
N TYR D 14 -37.56 -3.59 -14.13
CA TYR D 14 -38.55 -3.52 -13.06
C TYR D 14 -39.38 -4.80 -13.00
N GLU D 23 -36.03 -14.48 -18.70
CA GLU D 23 -34.70 -15.01 -18.42
C GLU D 23 -34.05 -15.64 -19.65
N LEU D 24 -34.88 -16.30 -20.46
CA LEU D 24 -34.39 -17.07 -21.59
C LEU D 24 -34.03 -16.17 -22.76
N LYS D 25 -34.82 -15.11 -22.97
CA LYS D 25 -34.58 -14.22 -24.10
C LYS D 25 -33.26 -13.47 -23.96
N LEU D 26 -32.82 -13.26 -22.72
CA LEU D 26 -31.49 -12.71 -22.46
C LEU D 26 -30.38 -13.67 -22.89
N GLU D 27 -30.61 -14.98 -22.75
CA GLU D 27 -29.64 -15.96 -23.19
C GLU D 27 -29.62 -16.07 -24.70
N THR D 28 -30.71 -15.67 -25.36
CA THR D 28 -30.81 -15.69 -26.82
C THR D 28 -29.67 -14.91 -27.48
N LEU D 29 -29.13 -13.90 -26.79
CA LEU D 29 -28.01 -13.14 -27.33
C LEU D 29 -26.68 -13.88 -27.13
N GLY D 30 -26.63 -14.83 -26.19
CA GLY D 30 -25.42 -15.59 -25.92
C GLY D 30 -24.28 -14.77 -25.45
N VAL D 31 -24.56 -13.81 -24.49
CA VAL D 31 -23.64 -12.81 -24.08
C VAL D 31 -23.54 -12.83 -22.59
N PRO D 32 -22.34 -12.76 -21.98
CA PRO D 32 -22.21 -12.95 -20.53
C PRO D 32 -22.99 -11.89 -19.76
N MET D 33 -23.67 -12.34 -18.70
CA MET D 33 -24.48 -11.46 -17.85
C MET D 33 -24.48 -11.93 -16.40
N ALA D 34 -24.94 -11.03 -15.51
CA ALA D 34 -25.02 -11.29 -14.06
C ALA D 34 -26.20 -10.50 -13.52
N ILE D 35 -27.29 -11.19 -13.18
CA ILE D 35 -28.54 -10.55 -12.81
C ILE D 35 -28.72 -10.60 -11.30
N SER D 36 -28.88 -9.42 -10.72
CA SER D 36 -28.89 -9.18 -9.27
C SER D 36 -30.13 -9.82 -8.65
N PRO D 37 -30.26 -9.77 -7.31
CA PRO D 37 -31.56 -9.98 -6.68
C PRO D 37 -32.70 -9.15 -7.28
N HIS D 57 -30.81 -4.87 -10.73
CA HIS D 57 -29.72 -4.41 -11.60
C HIS D 57 -29.12 -5.56 -12.34
N VAL D 58 -28.86 -5.36 -13.63
CA VAL D 58 -28.33 -6.39 -14.50
C VAL D 58 -27.00 -5.90 -15.07
N LEU D 59 -25.98 -6.75 -15.06
CA LEU D 59 -24.68 -6.42 -15.64
C LEU D 59 -24.44 -7.28 -16.88
N TYR D 60 -24.02 -6.64 -17.96
CA TYR D 60 -23.95 -7.20 -19.30
C TYR D 60 -22.55 -6.92 -19.85
N ILE D 61 -21.89 -7.96 -20.35
CA ILE D 61 -20.53 -7.88 -20.88
C ILE D 61 -20.60 -8.09 -22.39
N ALA D 62 -20.22 -7.07 -23.14
CA ALA D 62 -20.16 -7.23 -24.58
C ALA D 62 -19.03 -8.16 -24.99
N LYS D 63 -19.09 -8.65 -26.23
CA LYS D 63 -18.03 -9.53 -26.70
C LYS D 63 -16.84 -8.75 -27.26
N ASN D 64 -17.05 -7.52 -27.74
CA ASN D 64 -16.01 -6.59 -28.17
C ASN D 64 -16.37 -5.20 -27.59
N PRO D 65 -15.41 -4.28 -27.56
CA PRO D 65 -15.77 -2.91 -27.14
C PRO D 65 -16.81 -2.30 -28.09
N VAL D 66 -17.95 -1.88 -27.53
CA VAL D 66 -19.13 -1.49 -28.31
C VAL D 66 -19.84 -0.35 -27.57
N THR D 67 -20.63 0.43 -28.31
CA THR D 67 -21.24 1.61 -27.73
C THR D 67 -22.47 1.24 -26.89
N ALA D 68 -22.76 2.07 -25.89
CA ALA D 68 -23.80 1.76 -24.92
C ALA D 68 -25.18 2.07 -25.48
N ASP D 69 -25.27 3.07 -26.35
CA ASP D 69 -26.54 3.31 -27.05
C ASP D 69 -26.89 2.10 -27.89
N SER D 70 -25.93 1.57 -28.64
CA SER D 70 -26.18 0.33 -29.36
C SER D 70 -26.75 -0.74 -28.45
N VAL D 71 -26.03 -1.07 -27.36
CA VAL D 71 -26.53 -2.15 -26.51
C VAL D 71 -27.99 -1.88 -26.09
N ARG D 72 -28.32 -0.60 -25.77
CA ARG D 72 -29.63 -0.26 -25.19
C ARG D 72 -30.70 -0.21 -26.28
N LYS D 73 -30.29 -0.17 -27.56
CA LYS D 73 -31.27 -0.45 -28.61
C LYS D 73 -31.62 -1.94 -28.60
N LYS D 74 -30.60 -2.78 -28.47
CA LYS D 74 -30.75 -4.21 -28.60
C LYS D 74 -31.64 -4.84 -27.49
N ILE D 75 -31.43 -4.50 -26.21
CA ILE D 75 -32.25 -5.15 -25.19
C ILE D 75 -33.71 -4.80 -25.39
N LYS D 76 -34.00 -3.53 -25.71
CA LYS D 76 -35.38 -3.06 -25.69
C LYS D 76 -36.19 -3.74 -26.78
N LEU D 77 -35.58 -3.89 -27.97
CA LEU D 77 -36.19 -4.67 -29.03
C LEU D 77 -36.37 -6.13 -28.60
N LEU D 78 -35.48 -6.63 -27.71
CA LEU D 78 -35.67 -7.97 -27.16
C LEU D 78 -36.91 -8.04 -26.29
N LEU D 79 -37.07 -7.09 -25.38
CA LEU D 79 -38.14 -7.22 -24.39
C LEU D 79 -38.89 -5.91 -24.18
N MET D 86 -32.56 3.74 -20.18
CA MET D 86 -31.14 4.05 -20.35
C MET D 86 -30.24 2.87 -19.97
N VAL D 87 -28.95 2.98 -20.32
CA VAL D 87 -27.93 2.00 -19.98
C VAL D 87 -26.62 2.76 -19.76
N GLN D 88 -25.89 2.40 -18.71
CA GLN D 88 -24.69 3.12 -18.31
C GLN D 88 -23.46 2.24 -18.42
N VAL D 89 -22.42 2.75 -19.10
CA VAL D 89 -21.18 2.00 -19.30
C VAL D 89 -20.44 1.86 -17.97
N VAL D 90 -19.92 0.67 -17.72
CA VAL D 90 -19.21 0.40 -16.47
C VAL D 90 -17.72 0.59 -16.68
N LEU D 91 -17.12 1.38 -15.81
CA LEU D 91 -15.70 1.64 -15.80
C LEU D 91 -14.97 0.78 -14.79
N ASN D 92 -15.70 0.18 -13.86
CA ASN D 92 -15.13 -0.79 -12.93
C ASN D 92 -16.18 -1.84 -12.58
N VAL D 93 -15.85 -3.09 -12.87
CA VAL D 93 -16.79 -4.19 -12.71
C VAL D 93 -16.93 -4.58 -11.26
N GLU D 94 -15.79 -4.83 -10.62
CA GLU D 94 -15.72 -5.26 -9.24
C GLU D 94 -16.70 -4.52 -8.34
N ASN D 95 -16.70 -3.18 -8.41
CA ASN D 95 -17.56 -2.39 -7.52
C ASN D 95 -19.02 -2.62 -7.83
N MET D 96 -19.35 -2.80 -9.11
CA MET D 96 -20.75 -3.01 -9.44
C MET D 96 -21.17 -4.46 -9.14
N TYR D 97 -20.26 -5.44 -9.27
CA TYR D 97 -20.58 -6.78 -8.79
C TYR D 97 -20.98 -6.75 -7.32
N LEU D 98 -20.22 -5.99 -6.51
CA LEU D 98 -20.51 -5.94 -5.08
C LEU D 98 -21.70 -5.03 -4.80
N TYR D 99 -22.01 -4.08 -5.71
CA TYR D 99 -23.22 -3.27 -5.56
C TYR D 99 -24.48 -4.11 -5.75
N LEU D 100 -24.38 -5.23 -6.47
CA LEU D 100 -25.52 -6.14 -6.55
C LEU D 100 -25.78 -6.70 -5.15
N THR D 101 -24.89 -6.36 -4.21
CA THR D 101 -25.12 -6.53 -2.78
C THR D 101 -25.10 -5.23 -2.00
N HIS D 102 -24.95 -4.08 -2.64
CA HIS D 102 -24.67 -2.84 -1.91
C HIS D 102 -23.55 -3.07 -0.89
N GLU D 103 -22.37 -3.52 -1.37
CA GLU D 103 -21.24 -3.85 -0.50
C GLU D 103 -19.91 -3.43 -1.15
N SER D 104 -19.65 -2.14 -1.13
CA SER D 104 -18.34 -1.60 -1.51
C SER D 104 -18.27 -0.20 -0.91
N LYS D 105 -17.25 0.57 -1.30
CA LYS D 105 -17.01 1.83 -0.60
C LYS D 105 -18.17 2.82 -0.72
N ASP D 106 -18.77 2.92 -1.92
CA ASP D 106 -20.02 3.66 -2.04
C ASP D 106 -21.08 3.10 -1.10
N ALA D 107 -21.15 1.77 -1.00
CA ALA D 107 -22.11 1.13 -0.10
C ALA D 107 -21.78 1.44 1.35
N ILE D 108 -20.55 1.16 1.79
CA ILE D 108 -20.21 1.43 3.20
C ILE D 108 -20.40 2.91 3.53
N ALA D 109 -20.36 3.79 2.52
CA ALA D 109 -20.55 5.22 2.73
C ALA D 109 -21.99 5.52 3.17
N LYS D 110 -22.97 4.78 2.63
CA LYS D 110 -24.35 4.81 3.10
C LYS D 110 -24.92 3.37 3.02
N LYS D 111 -24.47 2.53 3.95
CA LYS D 111 -24.81 1.10 3.97
C LYS D 111 -26.30 0.87 4.20
N LYS D 112 -26.93 0.21 3.23
CA LYS D 112 -28.35 -0.09 3.32
C LYS D 112 -28.71 -1.30 2.46
N HIS D 113 -29.51 -2.20 3.04
CA HIS D 113 -30.25 -3.23 2.31
C HIS D 113 -29.34 -4.13 1.47
N VAL D 114 -28.26 -4.60 2.12
CA VAL D 114 -27.26 -5.51 1.56
C VAL D 114 -27.88 -6.80 1.09
N TYR D 115 -27.64 -7.12 -0.16
CA TYR D 115 -28.40 -8.16 -0.82
C TYR D 115 -27.62 -9.48 -0.81
N ASP D 116 -28.33 -10.50 -1.26
CA ASP D 116 -27.89 -11.88 -1.30
C ASP D 116 -26.68 -12.06 -2.20
N LYS D 117 -25.97 -13.16 -1.98
CA LYS D 117 -24.74 -13.43 -2.72
C LYS D 117 -24.92 -14.48 -3.81
N ALA D 118 -25.28 -15.72 -3.46
CA ALA D 118 -25.42 -16.75 -4.48
C ALA D 118 -26.72 -16.65 -5.27
N ASP D 119 -27.64 -15.76 -4.86
CA ASP D 119 -28.93 -15.60 -5.54
C ASP D 119 -28.77 -14.65 -6.72
N ILE D 120 -28.01 -15.11 -7.71
CA ILE D 120 -27.71 -14.35 -8.92
C ILE D 120 -27.81 -15.28 -10.12
N LYS D 121 -28.50 -14.82 -11.16
CA LYS D 121 -28.65 -15.55 -12.42
C LYS D 121 -27.43 -15.23 -13.30
N LEU D 122 -26.62 -16.26 -13.61
CA LEU D 122 -25.43 -16.07 -14.42
C LEU D 122 -25.53 -16.92 -15.68
N ILE D 123 -25.66 -16.26 -16.83
CA ILE D 123 -25.86 -16.92 -18.10
C ILE D 123 -24.64 -16.67 -18.99
N ASN D 124 -24.43 -17.56 -19.97
CA ASN D 124 -23.39 -17.36 -20.97
C ASN D 124 -21.99 -17.29 -20.33
N ASN D 125 -21.81 -18.10 -19.27
CA ASN D 125 -20.51 -18.36 -18.64
C ASN D 125 -19.84 -17.08 -18.12
N PHE D 126 -20.52 -16.37 -17.23
CA PHE D 126 -19.98 -15.14 -16.67
C PHE D 126 -19.35 -15.43 -15.31
N ASP D 127 -18.15 -14.87 -15.08
CA ASP D 127 -17.46 -14.91 -13.79
C ASP D 127 -16.62 -13.65 -13.64
N ILE D 128 -16.30 -13.28 -12.39
CA ILE D 128 -15.66 -11.99 -12.12
C ILE D 128 -14.15 -12.08 -12.34
N ASP D 129 -13.51 -13.17 -11.91
CA ASP D 129 -12.07 -13.33 -12.15
C ASP D 129 -11.75 -13.02 -13.59
N ARG D 130 -12.39 -13.77 -14.50
CA ARG D 130 -12.40 -13.48 -15.92
C ARG D 130 -12.07 -12.03 -16.21
N TYR D 131 -12.99 -11.13 -15.88
CA TYR D 131 -13.01 -9.85 -16.55
C TYR D 131 -12.07 -8.83 -15.91
N VAL D 132 -11.81 -8.94 -14.61
CA VAL D 132 -10.81 -8.07 -13.96
C VAL D 132 -9.39 -8.41 -14.45
N THR D 133 -9.07 -9.70 -14.64
CA THR D 133 -7.72 -10.03 -15.11
C THR D 133 -7.55 -9.64 -16.56
N LEU D 134 -8.63 -9.67 -17.36
CA LEU D 134 -8.52 -9.14 -18.71
C LEU D 134 -8.38 -7.62 -18.69
N ASP D 135 -9.05 -6.93 -17.75
CA ASP D 135 -8.80 -5.51 -17.55
C ASP D 135 -7.31 -5.27 -17.35
N VAL D 136 -6.70 -6.03 -16.45
CA VAL D 136 -5.27 -5.87 -16.18
C VAL D 136 -4.48 -6.06 -17.46
N GLU D 137 -4.73 -7.15 -18.17
CA GLU D 137 -3.85 -7.49 -19.28
C GLU D 137 -3.94 -6.42 -20.37
N GLU D 138 -5.15 -5.88 -20.63
CA GLU D 138 -5.27 -4.83 -21.63
C GLU D 138 -4.61 -3.54 -21.14
N LYS D 139 -4.63 -3.29 -19.82
CA LYS D 139 -3.91 -2.14 -19.27
C LYS D 139 -2.43 -2.20 -19.66
N THR D 140 -1.77 -3.33 -19.34
CA THR D 140 -0.35 -3.48 -19.65
C THR D 140 -0.11 -3.55 -21.14
N GLU D 141 -0.95 -4.33 -21.84
CA GLU D 141 -1.03 -4.27 -23.29
C GLU D 141 -0.89 -2.82 -23.74
N LEU D 142 -1.90 -2.02 -23.42
CA LEU D 142 -1.97 -0.65 -23.93
C LEU D 142 -0.80 0.18 -23.43
N PHE D 143 -0.37 -0.06 -22.20
CA PHE D 143 0.79 0.67 -21.71
C PHE D 143 2.00 0.39 -22.59
N ASN D 144 2.25 -0.88 -22.92
CA ASN D 144 3.45 -1.19 -23.69
C ASN D 144 3.41 -0.54 -25.07
N VAL D 145 2.24 -0.51 -25.71
CA VAL D 145 2.21 0.12 -27.03
C VAL D 145 2.42 1.62 -26.88
N VAL D 146 1.89 2.23 -25.82
CA VAL D 146 2.16 3.65 -25.59
C VAL D 146 3.66 3.89 -25.42
N VAL D 147 4.38 2.94 -24.79
CA VAL D 147 5.83 3.07 -24.67
C VAL D 147 6.46 3.07 -26.05
N SER D 148 6.09 2.10 -26.88
CA SER D 148 6.71 1.98 -28.20
C SER D 148 6.43 3.22 -29.03
N LEU D 149 5.21 3.76 -28.94
CA LEU D 149 4.91 5.01 -29.62
C LEU D 149 5.88 6.11 -29.18
N ILE D 150 6.04 6.29 -27.87
CA ILE D 150 6.89 7.37 -27.38
C ILE D 150 8.32 7.20 -27.88
N ARG D 151 8.80 5.95 -27.93
CA ARG D 151 10.13 5.68 -28.47
C ARG D 151 10.18 5.97 -29.96
N ALA D 152 9.26 5.36 -30.72
CA ALA D 152 9.27 5.46 -32.18
C ALA D 152 9.28 6.90 -32.65
N TYR D 153 8.38 7.73 -32.10
CA TYR D 153 8.22 9.10 -32.56
C TYR D 153 8.86 10.13 -31.62
N THR D 154 9.67 9.69 -30.66
CA THR D 154 10.41 10.56 -29.73
C THR D 154 9.51 11.65 -29.12
N LEU D 155 8.40 11.21 -28.52
CA LEU D 155 7.43 12.09 -27.87
C LEU D 155 8.00 12.64 -26.56
N GLN D 156 8.19 13.95 -26.49
CA GLN D 156 8.95 14.58 -25.40
C GLN D 156 8.11 14.93 -24.17
N ASN D 157 6.79 14.93 -24.28
CA ASN D 157 5.95 15.37 -23.18
C ASN D 157 4.53 14.88 -23.46
N ILE D 158 3.63 15.09 -22.49
CA ILE D 158 2.31 14.48 -22.65
C ILE D 158 1.46 15.21 -23.68
N PHE D 159 1.76 16.47 -23.95
CA PHE D 159 1.06 17.18 -25.02
C PHE D 159 1.37 16.55 -26.39
N ASP D 160 2.67 16.36 -26.69
CA ASP D 160 3.06 15.72 -27.94
C ASP D 160 2.44 14.33 -28.03
N LEU D 161 2.32 13.63 -26.91
CA LEU D 161 1.67 12.33 -26.93
C LEU D 161 0.19 12.48 -27.25
N TYR D 162 -0.49 13.38 -26.54
CA TYR D 162 -1.91 13.60 -26.76
C TYR D 162 -2.20 13.95 -28.21
N ASP D 163 -1.41 14.89 -28.77
CA ASP D 163 -1.57 15.27 -30.17
C ASP D 163 -1.53 14.04 -31.06
N PHE D 164 -0.50 13.21 -30.89
CA PHE D 164 -0.37 12.00 -31.69
C PHE D 164 -1.59 11.10 -31.56
N ILE D 165 -2.19 11.03 -30.37
CA ILE D 165 -3.39 10.21 -30.21
C ILE D 165 -4.54 10.81 -31.01
N ASP D 166 -4.67 12.15 -30.99
CA ASP D 166 -5.74 12.85 -31.71
C ASP D 166 -5.73 12.48 -33.19
N GLU D 167 -4.53 12.42 -33.78
CA GLU D 167 -4.45 12.18 -35.22
C GLU D 167 -4.45 10.68 -35.52
N ASN D 168 -3.63 9.90 -34.82
CA ASN D 168 -3.39 8.51 -35.19
C ASN D 168 -3.94 7.51 -34.18
N GLY D 169 -4.79 7.96 -33.25
CA GLY D 169 -5.16 7.10 -32.13
C GLY D 169 -5.81 5.80 -32.54
N GLU D 170 -6.69 5.85 -33.55
CA GLU D 170 -7.49 4.67 -33.85
C GLU D 170 -6.63 3.54 -34.43
N THR D 171 -5.56 3.86 -35.15
CA THR D 171 -4.73 2.81 -35.74
C THR D 171 -4.10 1.93 -34.66
N TYR D 172 -4.01 2.42 -33.41
CA TYR D 172 -3.51 1.62 -32.30
C TYR D 172 -4.57 1.34 -31.25
N GLY D 173 -5.83 1.66 -31.53
CA GLY D 173 -6.89 1.40 -30.56
C GLY D 173 -6.86 2.29 -29.33
N LEU D 174 -6.58 3.60 -29.52
CA LEU D 174 -6.30 4.52 -28.42
C LEU D 174 -7.07 5.82 -28.54
N THR D 175 -7.60 6.28 -27.41
CA THR D 175 -8.26 7.57 -27.27
C THR D 175 -7.63 8.30 -26.08
N ILE D 176 -7.86 9.61 -26.02
CA ILE D 176 -7.26 10.42 -24.95
C ILE D 176 -7.70 9.92 -23.57
N ASN D 177 -9.00 9.69 -23.38
CA ASN D 177 -9.46 9.29 -22.05
C ASN D 177 -8.94 7.91 -21.67
N LEU D 178 -8.75 7.03 -22.65
CA LEU D 178 -8.31 5.70 -22.29
C LEU D 178 -6.80 5.68 -22.06
N VAL D 179 -6.03 6.55 -22.76
CA VAL D 179 -4.60 6.67 -22.39
C VAL D 179 -4.47 7.26 -20.98
N ASN D 180 -5.35 8.20 -20.64
CA ASN D 180 -5.39 8.71 -19.26
C ASN D 180 -5.57 7.57 -18.28
N GLU D 181 -6.49 6.64 -18.55
CA GLU D 181 -6.73 5.59 -17.57
C GLU D 181 -5.59 4.58 -17.56
N VAL D 182 -4.90 4.40 -18.68
CA VAL D 182 -3.81 3.43 -18.69
C VAL D 182 -2.60 3.97 -17.95
N ILE D 183 -2.32 5.27 -18.08
CA ILE D 183 -1.12 5.84 -17.48
C ILE D 183 -1.33 6.39 -16.08
N ALA D 184 -2.58 6.53 -15.62
CA ALA D 184 -2.83 6.82 -14.22
C ALA D 184 -2.11 5.81 -13.35
N GLY D 185 -1.47 6.29 -12.28
CA GLY D 185 -0.71 5.36 -11.45
C GLY D 185 0.59 4.87 -12.04
N LYS D 186 1.04 5.45 -13.16
CA LYS D 186 2.33 5.14 -13.76
C LYS D 186 3.01 6.42 -14.22
N THR D 187 2.77 7.53 -13.52
CA THR D 187 3.31 8.84 -13.92
C THR D 187 4.82 8.91 -13.73
N GLY D 188 5.37 8.18 -12.77
CA GLY D 188 6.81 8.17 -12.66
C GLY D 188 7.43 7.43 -13.84
N PHE D 189 6.78 6.35 -14.28
CA PHE D 189 7.21 5.71 -15.50
C PHE D 189 7.16 6.70 -16.65
N MET D 190 6.04 7.44 -16.76
CA MET D 190 5.92 8.44 -17.80
C MET D 190 7.07 9.44 -17.77
N LYS D 191 7.39 9.98 -16.59
CA LYS D 191 8.41 11.00 -16.52
C LYS D 191 9.75 10.43 -17.00
N LEU D 192 10.04 9.17 -16.66
CA LEU D 192 11.27 8.52 -17.15
C LEU D 192 11.33 8.53 -18.67
N LEU D 193 10.24 8.10 -19.32
CA LEU D 193 10.17 8.05 -20.78
C LEU D 193 10.39 9.42 -21.39
N PHE D 194 9.68 10.43 -20.88
CA PHE D 194 9.75 11.75 -21.50
C PHE D 194 11.12 12.35 -21.32
N ASP D 195 11.75 12.11 -20.16
CA ASP D 195 13.13 12.53 -19.97
C ASP D 195 14.02 11.94 -21.04
N GLY D 196 13.88 10.64 -21.27
CA GLY D 196 14.62 10.01 -22.35
C GLY D 196 14.41 10.73 -23.66
N ALA D 197 13.16 10.78 -24.13
CA ALA D 197 12.87 11.43 -25.40
C ALA D 197 13.43 12.85 -25.43
N TYR D 198 13.24 13.61 -24.35
CA TYR D 198 13.77 14.97 -24.33
C TYR D 198 15.26 15.00 -24.65
N GLN D 199 16.06 14.12 -24.04
CA GLN D 199 17.49 14.21 -24.28
C GLN D 199 17.92 13.54 -25.58
N ARG D 200 17.19 12.54 -26.07
CA ARG D 200 17.55 11.96 -27.37
C ARG D 200 17.32 12.96 -28.48
N SER D 201 16.19 13.67 -28.44
CA SER D 201 15.87 14.73 -29.38
C SER D 201 17.00 15.75 -29.53
N LYS D 202 17.82 15.95 -28.49
CA LYS D 202 18.86 16.96 -28.62
C LYS D 202 20.18 16.35 -29.08
N ARG D 203 20.30 15.01 -29.07
CA ARG D 203 21.41 14.38 -29.78
C ARG D 203 21.44 14.84 -31.24
N GLY D 204 20.29 14.89 -31.90
CA GLY D 204 20.20 15.43 -33.24
C GLY D 204 20.34 16.95 -33.27
N LYS E 3 -25.26 25.57 -30.64
CA LYS E 3 -26.39 25.20 -29.78
C LYS E 3 -26.20 23.82 -29.13
N GLU E 4 -25.79 23.95 -27.88
CA GLU E 4 -25.43 22.90 -26.94
C GLU E 4 -26.65 22.05 -26.56
N LYS E 5 -26.55 20.72 -26.71
CA LYS E 5 -27.72 19.89 -26.40
C LYS E 5 -27.39 18.85 -25.33
N ALA E 6 -28.18 18.84 -24.25
CA ALA E 6 -28.03 17.93 -23.11
C ALA E 6 -29.42 17.55 -22.59
N ARG E 7 -29.45 16.62 -21.64
CA ARG E 7 -30.78 16.10 -21.32
C ARG E 7 -31.35 16.75 -20.06
N TYR E 8 -30.49 17.18 -19.13
CA TYR E 8 -30.88 17.69 -17.83
C TYR E 8 -30.89 19.21 -17.81
N PHE E 9 -31.97 19.78 -17.29
CA PHE E 9 -32.17 21.22 -17.31
C PHE E 9 -32.69 21.77 -15.99
N THR E 10 -32.51 23.07 -15.80
CA THR E 10 -33.20 23.75 -14.72
C THR E 10 -33.53 25.17 -15.12
N PHE E 11 -34.59 25.69 -14.52
CA PHE E 11 -35.07 27.01 -14.88
C PHE E 11 -35.92 27.56 -13.73
N LEU E 12 -36.31 28.82 -13.84
CA LEU E 12 -37.08 29.47 -12.81
C LEU E 12 -38.53 29.55 -13.25
N LEU E 13 -39.45 29.48 -12.28
CA LEU E 13 -40.86 29.72 -12.54
C LEU E 13 -41.34 30.81 -11.60
N TYR E 14 -42.13 31.74 -12.12
CA TYR E 14 -42.62 32.85 -11.31
C TYR E 14 -44.12 32.70 -11.10
N PRO E 15 -44.60 32.51 -9.83
CA PRO E 15 -46.05 32.38 -9.57
C PRO E 15 -46.86 33.50 -10.17
N GLU E 16 -46.26 34.68 -10.05
CA GLU E 16 -46.84 35.91 -10.55
C GLU E 16 -47.32 35.77 -11.96
N SER E 17 -46.60 34.99 -12.76
CA SER E 17 -46.80 34.94 -14.19
C SER E 17 -47.09 33.51 -14.69
N ILE E 18 -47.71 32.66 -13.86
CA ILE E 18 -48.06 31.30 -14.29
C ILE E 18 -49.49 30.98 -13.84
N PRO E 19 -50.23 30.17 -14.60
CA PRO E 19 -51.62 29.86 -14.25
C PRO E 19 -51.79 29.01 -13.00
N SER E 20 -53.04 29.00 -12.53
CA SER E 20 -53.37 28.35 -11.26
C SER E 20 -53.14 26.84 -11.30
N ASP E 21 -53.40 26.21 -12.46
CA ASP E 21 -53.31 24.76 -12.58
C ASP E 21 -51.95 24.32 -13.10
N TRP E 22 -50.90 25.13 -12.86
CA TRP E 22 -49.59 24.93 -13.49
C TRP E 22 -49.01 23.55 -13.20
N GLU E 23 -49.20 23.01 -11.98
CA GLU E 23 -48.68 21.68 -11.67
C GLU E 23 -49.25 20.63 -12.63
N LEU E 24 -50.58 20.65 -12.84
CA LEU E 24 -51.22 19.67 -13.73
C LEU E 24 -50.79 19.88 -15.18
N LYS E 25 -50.54 21.14 -15.57
CA LYS E 25 -50.07 21.40 -16.92
C LYS E 25 -48.66 20.86 -17.15
N LEU E 26 -47.78 21.00 -16.15
CA LEU E 26 -46.42 20.48 -16.28
C LEU E 26 -46.43 18.97 -16.48
N GLU E 27 -47.29 18.27 -15.74
CA GLU E 27 -47.31 16.82 -15.81
C GLU E 27 -47.59 16.30 -17.22
N THR E 28 -48.42 17.04 -17.99
CA THR E 28 -48.77 16.65 -19.35
C THR E 28 -47.55 16.44 -20.25
N LEU E 29 -46.43 17.16 -20.00
CA LEU E 29 -45.26 16.99 -20.85
C LEU E 29 -44.68 15.59 -20.69
N GLY E 30 -45.08 14.89 -19.64
CA GLY E 30 -44.72 13.50 -19.43
C GLY E 30 -43.27 13.27 -19.12
N VAL E 31 -42.57 14.33 -18.69
CA VAL E 31 -41.14 14.28 -18.40
C VAL E 31 -40.99 14.41 -16.90
N PRO E 32 -40.04 13.72 -16.28
CA PRO E 32 -39.87 13.81 -14.82
C PRO E 32 -39.42 15.20 -14.38
N MET E 33 -39.98 15.69 -13.28
CA MET E 33 -39.64 17.04 -12.84
C MET E 33 -39.62 17.17 -11.33
N ALA E 34 -38.65 17.90 -10.80
CA ALA E 34 -38.62 18.23 -9.38
C ALA E 34 -38.79 19.74 -9.24
N ILE E 35 -39.77 20.17 -8.42
CA ILE E 35 -40.03 21.58 -8.16
C ILE E 35 -39.54 21.92 -6.77
N SER E 36 -38.80 23.02 -6.65
CA SER E 36 -38.32 23.45 -5.35
C SER E 36 -39.48 23.98 -4.51
N PRO E 37 -39.28 24.09 -3.19
CA PRO E 37 -40.20 24.88 -2.39
C PRO E 37 -40.13 26.30 -2.90
N LEU E 38 -41.23 27.04 -2.78
CA LEU E 38 -41.21 28.42 -3.25
C LEU E 38 -40.10 29.19 -2.54
N HIS E 39 -39.22 29.82 -3.34
CA HIS E 39 -38.09 30.60 -2.85
C HIS E 39 -38.54 32.05 -2.65
N ASP E 40 -39.15 32.32 -1.48
CA ASP E 40 -39.66 33.65 -1.16
C ASP E 40 -38.81 34.40 -0.14
N LYS E 41 -37.68 33.83 0.31
CA LYS E 41 -36.88 34.44 1.37
C LYS E 41 -35.40 34.52 0.97
N ASP E 42 -35.11 34.56 -0.33
CA ASP E 42 -33.74 34.74 -0.81
C ASP E 42 -33.41 36.22 -0.78
N LYS E 43 -32.34 36.58 -0.10
CA LYS E 43 -31.99 37.99 -0.04
C LYS E 43 -31.39 38.39 -1.37
N SER E 44 -31.83 39.55 -1.87
CA SER E 44 -31.52 40.04 -3.20
C SER E 44 -30.41 41.08 -3.18
N SER E 45 -29.52 40.99 -4.16
CA SER E 45 -28.45 41.98 -4.29
C SER E 45 -28.93 43.28 -4.92
N ILE E 46 -30.17 43.34 -5.42
CA ILE E 46 -30.66 44.62 -5.91
C ILE E 46 -30.93 45.49 -4.70
N LYS E 47 -30.47 46.74 -4.79
CA LYS E 47 -30.59 47.66 -3.68
C LYS E 47 -32.02 48.12 -3.48
N GLY E 48 -32.46 48.02 -2.24
CA GLY E 48 -33.70 48.58 -1.82
C GLY E 48 -34.83 47.60 -1.76
N GLN E 49 -34.60 46.35 -2.19
CA GLN E 49 -35.73 45.43 -2.26
C GLN E 49 -35.50 44.27 -1.29
N LYS E 50 -34.23 43.98 -0.96
CA LYS E 50 -33.87 43.08 0.14
C LYS E 50 -34.23 41.62 -0.13
N TYR E 51 -35.31 41.36 -0.88
CA TYR E 51 -35.71 40.01 -1.26
C TYR E 51 -35.79 39.85 -2.77
N LYS E 52 -35.38 38.68 -3.26
CA LYS E 52 -35.58 38.36 -4.67
C LYS E 52 -37.06 38.10 -4.92
N LYS E 53 -37.47 38.24 -6.18
CA LYS E 53 -38.84 37.94 -6.55
C LYS E 53 -39.12 36.48 -6.24
N ALA E 54 -40.28 36.20 -5.62
CA ALA E 54 -40.59 34.82 -5.25
C ALA E 54 -40.55 33.94 -6.50
N HIS E 55 -39.84 32.83 -6.41
CA HIS E 55 -39.63 32.01 -7.60
C HIS E 55 -39.48 30.54 -7.21
N TYR E 56 -39.73 29.66 -8.18
CA TYR E 56 -39.47 28.24 -8.00
C TYR E 56 -38.30 27.85 -8.89
N HIS E 57 -37.50 26.92 -8.44
CA HIS E 57 -36.55 26.24 -9.32
C HIS E 57 -37.19 24.93 -9.79
N VAL E 58 -36.99 24.61 -11.07
CA VAL E 58 -37.53 23.40 -11.68
C VAL E 58 -36.37 22.53 -12.14
N LEU E 59 -36.36 21.27 -11.72
CA LEU E 59 -35.41 20.27 -12.21
C LEU E 59 -36.08 19.51 -13.33
N TYR E 60 -35.46 19.53 -14.50
CA TYR E 60 -36.11 19.04 -15.72
C TYR E 60 -35.27 17.96 -16.37
N ILE E 61 -35.88 16.82 -16.64
CA ILE E 61 -35.19 15.70 -17.28
C ILE E 61 -35.92 15.37 -18.56
N ALA E 62 -35.32 15.74 -19.68
CA ALA E 62 -35.87 15.45 -21.00
C ALA E 62 -35.69 13.96 -21.34
N LYS E 63 -36.44 13.50 -22.35
CA LYS E 63 -36.40 12.07 -22.62
C LYS E 63 -35.11 11.70 -23.36
N ASN E 64 -34.73 12.47 -24.37
CA ASN E 64 -33.47 12.28 -25.07
C ASN E 64 -32.82 13.64 -25.27
N PRO E 65 -31.52 13.69 -25.64
CA PRO E 65 -30.85 15.00 -25.84
C PRO E 65 -31.62 16.00 -26.66
N VAL E 66 -31.67 17.23 -26.14
CA VAL E 66 -32.50 18.30 -26.66
C VAL E 66 -31.78 19.63 -26.42
N THR E 67 -32.11 20.65 -27.21
CA THR E 67 -31.53 21.98 -27.04
C THR E 67 -32.25 22.75 -25.95
N ALA E 68 -31.56 23.75 -25.39
CA ALA E 68 -32.14 24.53 -24.29
C ALA E 68 -33.35 25.33 -24.74
N ASP E 69 -33.27 25.98 -25.90
CA ASP E 69 -34.42 26.74 -26.38
C ASP E 69 -35.60 25.82 -26.68
N SER E 70 -35.34 24.60 -27.15
CA SER E 70 -36.41 23.61 -27.32
C SER E 70 -37.35 23.59 -26.12
N VAL E 71 -36.80 23.45 -24.91
CA VAL E 71 -37.65 23.39 -23.71
C VAL E 71 -38.23 24.78 -23.41
N ARG E 72 -37.47 25.85 -23.66
CA ARG E 72 -37.99 27.19 -23.39
C ARG E 72 -39.32 27.39 -24.08
N LYS E 73 -39.34 27.05 -25.38
CA LYS E 73 -40.51 27.16 -26.21
C LYS E 73 -41.64 26.30 -25.63
N LYS E 74 -41.32 25.06 -25.24
CA LYS E 74 -42.36 24.12 -24.84
C LYS E 74 -43.15 24.65 -23.65
N ILE E 75 -42.46 25.27 -22.69
CA ILE E 75 -43.05 25.78 -21.48
C ILE E 75 -43.69 27.16 -21.65
N LYS E 76 -43.11 28.00 -22.52
CA LYS E 76 -43.73 29.29 -22.81
C LYS E 76 -45.14 29.09 -23.36
N LEU E 77 -45.26 28.23 -24.38
CA LEU E 77 -46.54 27.88 -24.97
C LEU E 77 -47.43 27.10 -24.01
N LEU E 78 -46.88 26.57 -22.94
CA LEU E 78 -47.67 25.80 -21.99
C LEU E 78 -48.14 26.62 -20.79
N LEU E 79 -47.29 27.53 -20.28
CA LEU E 79 -47.51 28.19 -19.01
C LEU E 79 -47.68 29.71 -19.12
N GLY E 80 -47.22 30.32 -20.19
CA GLY E 80 -47.32 31.75 -20.29
C GLY E 80 -46.09 32.36 -20.90
N GLU E 81 -46.23 33.62 -21.30
CA GLU E 81 -45.16 34.30 -22.02
C GLU E 81 -44.00 34.65 -21.08
N LYS E 82 -44.31 35.07 -19.86
CA LYS E 82 -43.24 35.43 -18.92
C LYS E 82 -43.16 34.43 -17.77
N SER E 83 -43.51 33.18 -18.03
CA SER E 83 -43.69 32.23 -16.93
C SER E 83 -42.34 31.79 -16.37
N LEU E 84 -41.32 31.77 -17.21
CA LEU E 84 -40.03 31.24 -16.83
C LEU E 84 -38.90 32.14 -17.31
N ALA E 85 -37.72 31.86 -16.79
CA ALA E 85 -36.54 32.65 -17.06
C ALA E 85 -35.32 31.82 -16.69
N MET E 86 -34.20 32.14 -17.33
CA MET E 86 -32.93 31.49 -17.02
C MET E 86 -32.97 29.97 -17.25
N VAL E 87 -33.40 29.54 -18.44
CA VAL E 87 -33.26 28.13 -18.78
C VAL E 87 -31.78 27.79 -18.81
N GLN E 88 -31.42 26.69 -18.18
CA GLN E 88 -30.01 26.42 -17.97
C GLN E 88 -29.75 24.92 -18.02
N VAL E 89 -28.61 24.54 -18.58
CA VAL E 89 -28.28 23.13 -18.71
C VAL E 89 -27.53 22.70 -17.45
N VAL E 90 -27.95 21.56 -16.90
CA VAL E 90 -27.45 21.02 -15.62
C VAL E 90 -26.35 19.99 -15.86
N LEU E 91 -25.28 20.07 -15.07
CA LEU E 91 -24.15 19.16 -15.19
C LEU E 91 -24.13 18.09 -14.10
N ASN E 92 -24.52 18.45 -12.88
CA ASN E 92 -24.71 17.48 -11.80
C ASN E 92 -26.11 17.63 -11.21
N VAL E 93 -26.99 16.68 -11.53
CA VAL E 93 -28.38 16.73 -11.10
C VAL E 93 -28.50 16.71 -9.59
N GLU E 94 -27.59 15.99 -8.90
CA GLU E 94 -27.69 15.88 -7.45
C GLU E 94 -27.45 17.21 -6.74
N ASN E 95 -26.51 18.03 -7.23
CA ASN E 95 -26.28 19.33 -6.62
C ASN E 95 -27.48 20.25 -6.85
N MET E 96 -28.13 20.15 -8.02
CA MET E 96 -29.31 20.97 -8.27
C MET E 96 -30.46 20.59 -7.35
N TYR E 97 -30.66 19.27 -7.16
CA TYR E 97 -31.70 18.81 -6.25
C TYR E 97 -31.42 19.31 -4.84
N LEU E 98 -30.15 19.28 -4.43
CA LEU E 98 -29.81 19.85 -3.14
C LEU E 98 -29.94 21.36 -3.17
N TYR E 99 -29.57 21.97 -4.30
CA TYR E 99 -29.72 23.41 -4.41
C TYR E 99 -31.18 23.84 -4.32
N LEU E 100 -32.11 22.94 -4.64
CA LEU E 100 -33.54 23.26 -4.54
C LEU E 100 -33.93 23.73 -3.14
N THR E 101 -33.20 23.28 -2.11
CA THR E 101 -33.47 23.63 -0.72
C THR E 101 -32.29 24.40 -0.15
N HIS E 102 -31.40 24.88 -1.03
CA HIS E 102 -30.16 25.55 -0.67
C HIS E 102 -29.31 24.69 0.25
N GLU E 103 -29.20 23.41 -0.11
CA GLU E 103 -28.40 22.45 0.65
C GLU E 103 -27.25 21.90 -0.17
N SER E 104 -26.93 22.53 -1.29
CA SER E 104 -25.67 22.27 -1.95
C SER E 104 -24.57 22.86 -1.07
N LYS E 105 -23.43 22.15 -0.95
CA LYS E 105 -22.41 22.55 0.02
C LYS E 105 -21.88 23.93 -0.30
N ASP E 106 -21.99 24.24 -1.58
CA ASP E 106 -21.66 25.49 -2.23
C ASP E 106 -22.73 26.54 -1.93
N ALA E 107 -23.99 26.08 -1.76
CA ALA E 107 -25.05 26.96 -1.26
C ALA E 107 -24.90 27.20 0.24
N ILE E 108 -24.71 26.15 1.04
CA ILE E 108 -24.51 26.36 2.48
C ILE E 108 -23.19 27.09 2.73
N ALA E 109 -22.20 26.94 1.84
CA ALA E 109 -20.93 27.66 2.03
C ALA E 109 -21.13 29.17 1.93
N LYS E 110 -22.20 29.61 1.29
CA LYS E 110 -22.57 31.01 1.26
C LYS E 110 -23.69 31.31 2.24
N LYS E 111 -24.08 30.31 3.05
CA LYS E 111 -25.13 30.37 4.06
C LYS E 111 -26.45 30.91 3.50
N LYS E 112 -26.73 30.54 2.24
CA LYS E 112 -28.02 30.79 1.61
C LYS E 112 -29.14 30.21 2.47
N HIS E 113 -30.32 30.84 2.40
CA HIS E 113 -31.44 30.40 3.23
C HIS E 113 -31.79 28.94 2.94
N VAL E 114 -31.91 28.13 3.98
CA VAL E 114 -32.26 26.73 3.77
C VAL E 114 -33.79 26.62 3.73
N TYR E 115 -34.31 25.73 2.90
CA TYR E 115 -35.74 25.52 2.74
C TYR E 115 -36.10 24.09 3.11
N ASP E 116 -37.40 23.87 3.27
CA ASP E 116 -37.93 22.60 3.76
C ASP E 116 -38.02 21.60 2.60
N LYS E 117 -37.40 20.44 2.75
CA LYS E 117 -37.37 19.46 1.65
C LYS E 117 -38.75 18.85 1.43
N ALA E 118 -39.65 18.96 2.40
CA ALA E 118 -41.01 18.44 2.28
C ALA E 118 -41.87 19.23 1.30
N ASP E 119 -41.47 20.45 0.95
CA ASP E 119 -42.19 21.24 -0.03
C ASP E 119 -41.75 20.96 -1.47
N ILE E 120 -40.73 20.12 -1.66
CA ILE E 120 -40.38 19.64 -2.99
C ILE E 120 -41.57 18.90 -3.60
N LYS E 121 -41.97 19.31 -4.78
CA LYS E 121 -43.01 18.63 -5.53
C LYS E 121 -42.37 17.79 -6.63
N LEU E 122 -42.73 16.51 -6.67
CA LEU E 122 -42.27 15.61 -7.71
C LEU E 122 -43.35 15.45 -8.77
N ILE E 123 -42.93 15.38 -10.04
CA ILE E 123 -43.84 15.25 -11.18
C ILE E 123 -43.36 14.09 -12.03
N ASN E 124 -44.33 13.27 -12.48
CA ASN E 124 -44.08 12.11 -13.34
C ASN E 124 -43.00 11.23 -12.73
N ASN E 125 -43.11 11.00 -11.42
CA ASN E 125 -42.33 10.00 -10.69
C ASN E 125 -40.83 10.21 -10.83
N PHE E 126 -40.43 11.47 -10.70
CA PHE E 126 -39.04 11.87 -10.59
C PHE E 126 -38.44 11.23 -9.34
N ASP E 127 -37.37 10.48 -9.51
CA ASP E 127 -36.67 9.90 -8.37
C ASP E 127 -35.19 10.24 -8.46
N ILE E 128 -34.68 10.94 -7.44
CA ILE E 128 -33.32 11.49 -7.49
C ILE E 128 -32.28 10.38 -7.62
N ASP E 129 -32.51 9.22 -6.98
CA ASP E 129 -31.52 8.15 -7.00
C ASP E 129 -31.26 7.65 -8.42
N ARG E 130 -32.22 7.88 -9.33
CA ARG E 130 -32.10 7.48 -10.73
C ARG E 130 -31.02 8.28 -11.48
N TYR E 131 -30.52 9.38 -10.91
CA TYR E 131 -29.54 10.24 -11.57
C TYR E 131 -28.22 10.42 -10.81
N VAL E 132 -28.05 9.85 -9.61
CA VAL E 132 -26.82 10.08 -8.87
C VAL E 132 -25.70 9.21 -9.45
N THR E 133 -24.50 9.77 -9.48
CA THR E 133 -23.33 9.13 -10.08
C THR E 133 -22.37 8.72 -8.95
N LEU E 134 -21.58 7.68 -9.18
CA LEU E 134 -20.60 7.29 -8.18
C LEU E 134 -19.46 8.33 -8.13
N ASP E 135 -18.92 8.58 -6.93
CA ASP E 135 -17.95 9.68 -6.77
C ASP E 135 -16.67 9.34 -7.52
N VAL E 136 -16.38 8.05 -7.63
CA VAL E 136 -15.14 7.63 -8.26
C VAL E 136 -15.11 8.04 -9.71
N GLU E 137 -16.21 7.78 -10.43
CA GLU E 137 -16.28 8.06 -11.86
C GLU E 137 -16.42 9.57 -12.11
N GLU E 138 -17.12 10.29 -11.21
CA GLU E 138 -17.22 11.74 -11.38
C GLU E 138 -15.86 12.37 -11.21
N LYS E 139 -15.06 11.86 -10.26
CA LYS E 139 -13.70 12.36 -10.10
C LYS E 139 -12.89 12.06 -11.36
N THR E 140 -13.20 10.94 -12.04
CA THR E 140 -12.48 10.59 -13.26
C THR E 140 -12.84 11.50 -14.42
N GLU E 141 -14.14 11.80 -14.60
CA GLU E 141 -14.52 12.63 -15.74
C GLU E 141 -14.16 14.09 -15.46
N LEU E 142 -14.35 14.54 -14.21
CA LEU E 142 -13.93 15.89 -13.87
C LEU E 142 -12.45 16.06 -14.15
N PHE E 143 -11.66 15.03 -13.83
CA PHE E 143 -10.24 15.05 -14.13
C PHE E 143 -10.00 15.17 -15.63
N ASN E 144 -10.67 14.33 -16.42
CA ASN E 144 -10.50 14.37 -17.88
C ASN E 144 -10.86 15.75 -18.41
N VAL E 145 -11.86 16.38 -17.79
CA VAL E 145 -12.22 17.75 -18.13
C VAL E 145 -11.05 18.68 -17.86
N VAL E 146 -10.51 18.63 -16.63
CA VAL E 146 -9.38 19.48 -16.28
C VAL E 146 -8.23 19.23 -17.24
N VAL E 147 -8.01 17.96 -17.60
CA VAL E 147 -6.99 17.67 -18.60
C VAL E 147 -7.28 18.48 -19.85
N SER E 148 -8.53 18.41 -20.33
CA SER E 148 -8.85 19.09 -21.57
C SER E 148 -8.65 20.60 -21.47
N LEU E 149 -8.95 21.22 -20.32
CA LEU E 149 -8.73 22.67 -20.18
C LEU E 149 -7.25 23.02 -20.23
N ILE E 150 -6.40 22.23 -19.57
CA ILE E 150 -4.97 22.52 -19.53
C ILE E 150 -4.38 22.43 -20.93
N ARG E 151 -4.83 21.44 -21.71
CA ARG E 151 -4.40 21.31 -23.11
C ARG E 151 -4.86 22.51 -23.92
N ALA E 152 -6.18 22.75 -23.94
CA ALA E 152 -6.79 23.78 -24.76
C ALA E 152 -6.17 25.14 -24.51
N TYR E 153 -6.04 25.53 -23.24
CA TYR E 153 -5.61 26.89 -22.93
C TYR E 153 -4.16 26.97 -22.50
N THR E 154 -3.40 25.90 -22.73
CA THR E 154 -1.97 25.80 -22.43
C THR E 154 -1.65 26.38 -21.04
N LEU E 155 -2.28 25.78 -20.04
CA LEU E 155 -2.14 26.25 -18.66
C LEU E 155 -0.89 25.65 -18.04
N GLN E 156 0.09 26.52 -17.72
CA GLN E 156 1.47 26.13 -17.43
C GLN E 156 1.70 25.69 -15.99
N ASN E 157 0.77 25.97 -15.08
CA ASN E 157 0.97 25.74 -13.66
C ASN E 157 -0.37 25.88 -12.95
N ILE E 158 -0.38 25.57 -11.66
CA ILE E 158 -1.66 25.45 -11.00
C ILE E 158 -2.27 26.81 -10.72
N PHE E 159 -1.47 27.89 -10.68
CA PHE E 159 -2.04 29.24 -10.53
C PHE E 159 -2.82 29.65 -11.78
N ASP E 160 -2.25 29.41 -12.96
CA ASP E 160 -2.99 29.64 -14.20
C ASP E 160 -4.28 28.82 -14.23
N LEU E 161 -4.23 27.55 -13.83
CA LEU E 161 -5.46 26.76 -13.77
C LEU E 161 -6.44 27.37 -12.77
N TYR E 162 -5.97 27.74 -11.58
CA TYR E 162 -6.86 28.34 -10.60
C TYR E 162 -7.50 29.63 -11.13
N ASP E 163 -6.71 30.49 -11.80
CA ASP E 163 -7.27 31.70 -12.42
C ASP E 163 -8.33 31.34 -13.44
N PHE E 164 -8.06 30.36 -14.32
CA PHE E 164 -9.06 29.96 -15.30
C PHE E 164 -10.33 29.47 -14.62
N ILE E 165 -10.21 28.74 -13.53
CA ILE E 165 -11.40 28.26 -12.83
C ILE E 165 -12.17 29.45 -12.25
N ASP E 166 -11.46 30.45 -11.70
CA ASP E 166 -12.11 31.63 -11.14
C ASP E 166 -13.00 32.33 -12.17
N GLU E 167 -12.47 32.51 -13.39
CA GLU E 167 -13.17 33.17 -14.49
C GLU E 167 -14.26 32.30 -15.11
N ASN E 168 -13.94 31.04 -15.42
CA ASN E 168 -14.80 30.23 -16.29
C ASN E 168 -15.20 28.90 -15.67
N GLY E 169 -15.05 28.74 -14.35
CA GLY E 169 -15.35 27.46 -13.71
C GLY E 169 -16.76 26.96 -13.98
N GLU E 170 -17.76 27.84 -13.85
CA GLU E 170 -19.15 27.38 -13.91
C GLU E 170 -19.47 26.78 -15.26
N THR E 171 -18.86 27.33 -16.33
CA THR E 171 -19.09 26.79 -17.66
C THR E 171 -18.84 25.29 -17.67
N TYR E 172 -17.96 24.80 -16.79
CA TYR E 172 -17.57 23.39 -16.77
C TYR E 172 -17.95 22.71 -15.45
N GLY E 173 -18.69 23.39 -14.59
CA GLY E 173 -19.10 22.81 -13.32
C GLY E 173 -17.95 22.61 -12.36
N LEU E 174 -17.07 23.61 -12.24
CA LEU E 174 -15.83 23.52 -11.49
C LEU E 174 -15.67 24.73 -10.60
N THR E 175 -15.23 24.48 -9.37
CA THR E 175 -14.85 25.51 -8.41
C THR E 175 -13.44 25.19 -7.94
N ILE E 176 -12.81 26.14 -7.23
CA ILE E 176 -11.44 25.89 -6.78
C ILE E 176 -11.40 24.64 -5.92
N ASN E 177 -12.26 24.58 -4.90
CA ASN E 177 -12.19 23.50 -3.93
C ASN E 177 -12.52 22.15 -4.54
N LEU E 178 -13.35 22.13 -5.57
CA LEU E 178 -13.62 20.86 -6.20
C LEU E 178 -12.45 20.45 -7.09
N VAL E 179 -11.73 21.42 -7.67
CA VAL E 179 -10.52 21.05 -8.40
C VAL E 179 -9.50 20.43 -7.45
N ASN E 180 -9.38 21.02 -6.26
CA ASN E 180 -8.49 20.47 -5.24
C ASN E 180 -8.84 19.03 -4.91
N GLU E 181 -10.13 18.70 -4.79
CA GLU E 181 -10.52 17.33 -4.51
C GLU E 181 -10.16 16.42 -5.67
N VAL E 182 -10.41 16.87 -6.90
CA VAL E 182 -10.26 16.00 -8.04
C VAL E 182 -8.80 15.64 -8.28
N ILE E 183 -7.89 16.61 -8.12
CA ILE E 183 -6.49 16.36 -8.43
C ILE E 183 -5.73 15.83 -7.21
N ALA E 184 -6.35 15.82 -6.03
CA ALA E 184 -5.74 15.19 -4.88
C ALA E 184 -5.38 13.73 -5.19
N GLY E 185 -4.15 13.38 -4.89
CA GLY E 185 -3.67 12.05 -5.21
C GLY E 185 -3.42 11.83 -6.67
N LYS E 186 -3.34 12.90 -7.46
CA LYS E 186 -2.94 12.75 -8.85
C LYS E 186 -1.90 13.79 -9.20
N THR E 187 -1.16 14.28 -8.20
CA THR E 187 -0.28 15.41 -8.48
C THR E 187 0.83 15.02 -9.44
N GLY E 188 1.20 13.74 -9.46
CA GLY E 188 2.20 13.31 -10.42
C GLY E 188 1.73 13.50 -11.84
N PHE E 189 0.47 13.16 -12.11
CA PHE E 189 -0.13 13.43 -13.40
C PHE E 189 -0.12 14.92 -13.69
N MET E 190 -0.55 15.72 -12.70
CA MET E 190 -0.56 17.16 -12.85
C MET E 190 0.82 17.67 -13.23
N LYS E 191 1.86 17.14 -12.62
CA LYS E 191 3.20 17.62 -12.96
C LYS E 191 3.47 17.37 -14.44
N LEU E 192 3.08 16.20 -14.93
CA LEU E 192 3.30 15.89 -16.35
C LEU E 192 2.58 16.88 -17.25
N LEU E 193 1.33 17.24 -16.91
CA LEU E 193 0.56 18.16 -17.74
C LEU E 193 1.18 19.55 -17.75
N PHE E 194 1.46 20.11 -16.57
CA PHE E 194 2.05 21.43 -16.52
C PHE E 194 3.40 21.43 -17.21
N ASP E 195 4.17 20.35 -17.07
CA ASP E 195 5.43 20.27 -17.80
C ASP E 195 5.18 20.37 -19.31
N GLY E 196 4.23 19.57 -19.81
CA GLY E 196 3.85 19.63 -21.21
C GLY E 196 3.46 21.03 -21.62
N ALA E 197 2.51 21.64 -20.91
CA ALA E 197 2.10 23.01 -21.23
C ALA E 197 3.29 23.96 -21.22
N TYR E 198 4.18 23.81 -20.24
CA TYR E 198 5.33 24.70 -20.14
C TYR E 198 6.18 24.64 -21.40
N GLN E 199 6.64 23.44 -21.76
CA GLN E 199 7.49 23.36 -22.95
C GLN E 199 6.73 23.79 -24.20
N ARG E 200 5.43 23.50 -24.26
CA ARG E 200 4.68 23.79 -25.47
C ARG E 200 4.57 25.29 -25.70
N SER E 201 4.57 26.08 -24.63
CA SER E 201 4.51 27.54 -24.71
C SER E 201 5.88 28.15 -25.00
N LYS E 202 6.93 27.34 -25.08
CA LYS E 202 8.24 27.79 -25.53
C LYS E 202 8.50 27.28 -26.95
N ARG E 203 7.44 27.20 -27.76
CA ARG E 203 7.48 26.74 -29.13
C ARG E 203 7.06 27.85 -30.11
N GLU F 4 -3.74 -7.15 13.36
CA GLU F 4 -4.90 -6.75 14.16
C GLU F 4 -4.45 -5.75 15.21
N LYS F 5 -3.89 -4.61 14.77
CA LYS F 5 -3.15 -3.72 15.64
C LYS F 5 -3.81 -2.35 15.73
N ALA F 6 -4.00 -1.89 16.97
CA ALA F 6 -4.64 -0.61 17.25
C ALA F 6 -3.92 0.02 18.44
N ARG F 7 -4.22 1.31 18.68
CA ARG F 7 -3.59 2.05 19.76
C ARG F 7 -4.46 2.25 20.99
N TYR F 8 -5.79 2.32 20.81
CA TYR F 8 -6.73 2.61 21.89
C TYR F 8 -7.42 1.32 22.33
N PHE F 9 -7.39 1.04 23.62
CA PHE F 9 -7.97 -0.19 24.14
C PHE F 9 -8.78 0.08 25.40
N THR F 10 -9.65 -0.86 25.76
CA THR F 10 -10.30 -0.78 27.05
C THR F 10 -10.54 -2.16 27.63
N PHE F 11 -10.76 -2.21 28.94
CA PHE F 11 -11.00 -3.47 29.62
C PHE F 11 -11.55 -3.20 31.02
N LEU F 12 -12.04 -4.26 31.66
CA LEU F 12 -12.65 -4.08 32.94
C LEU F 12 -11.70 -4.54 34.02
N LEU F 13 -11.81 -3.92 35.20
CA LEU F 13 -11.14 -4.43 36.37
C LEU F 13 -12.11 -4.46 37.54
N TYR F 14 -12.11 -5.54 38.25
CA TYR F 14 -12.98 -5.62 39.41
C TYR F 14 -12.14 -5.56 40.67
N PRO F 15 -12.45 -4.69 41.63
CA PRO F 15 -11.66 -4.64 42.89
C PRO F 15 -11.51 -6.00 43.57
N GLU F 16 -12.53 -6.87 43.47
CA GLU F 16 -12.49 -8.19 44.08
C GLU F 16 -11.27 -9.02 43.61
N SER F 17 -10.84 -8.85 42.35
CA SER F 17 -9.86 -9.75 41.75
C SER F 17 -8.57 -9.04 41.33
N ILE F 18 -8.21 -7.94 42.00
CA ILE F 18 -7.01 -7.16 41.66
C ILE F 18 -6.29 -6.75 42.95
N PRO F 19 -4.98 -6.53 42.91
CA PRO F 19 -4.24 -6.14 44.13
C PRO F 19 -4.65 -4.81 44.74
N SER F 20 -4.22 -4.58 45.98
CA SER F 20 -4.63 -3.35 46.64
C SER F 20 -4.02 -2.11 45.95
N ASP F 21 -2.78 -2.21 45.46
CA ASP F 21 -2.03 -1.11 44.86
C ASP F 21 -2.12 -1.12 43.33
N TRP F 22 -3.24 -1.62 42.80
CA TRP F 22 -3.38 -1.82 41.36
C TRP F 22 -3.20 -0.51 40.59
N GLU F 23 -3.70 0.58 41.14
CA GLU F 23 -3.66 1.90 40.50
C GLU F 23 -2.20 2.24 40.21
N LEU F 24 -1.33 2.05 41.22
CA LEU F 24 0.09 2.34 41.09
C LEU F 24 0.78 1.36 40.17
N LYS F 25 0.35 0.10 40.21
CA LYS F 25 0.98 -0.88 39.33
C LYS F 25 0.67 -0.52 37.89
N LEU F 26 -0.53 -0.01 37.64
CA LEU F 26 -0.92 0.39 36.29
C LEU F 26 -0.01 1.50 35.79
N GLU F 27 0.30 2.46 36.67
CA GLU F 27 1.14 3.61 36.30
C GLU F 27 2.54 3.17 35.86
N THR F 28 3.04 2.11 36.49
CA THR F 28 4.35 1.53 36.21
C THR F 28 4.59 1.23 34.73
N LEU F 29 3.54 0.97 33.97
CA LEU F 29 3.68 0.54 32.60
C LEU F 29 4.11 1.67 31.68
N GLY F 30 4.01 2.91 32.15
CA GLY F 30 4.43 4.08 31.41
C GLY F 30 3.53 4.44 30.26
N VAL F 31 2.30 3.96 30.22
CA VAL F 31 1.45 4.32 29.09
C VAL F 31 0.31 5.15 29.68
N PRO F 32 -0.18 6.14 28.94
CA PRO F 32 -1.26 6.97 29.50
C PRO F 32 -2.56 6.19 29.51
N MET F 33 -3.31 6.36 30.59
CA MET F 33 -4.58 5.69 30.65
C MET F 33 -5.55 6.51 31.53
N ALA F 34 -6.83 6.41 31.18
CA ALA F 34 -7.94 7.02 31.90
C ALA F 34 -8.73 5.95 32.64
N ILE F 35 -8.95 6.15 33.94
CA ILE F 35 -9.68 5.18 34.74
C ILE F 35 -11.02 5.78 35.17
N SER F 36 -12.09 4.99 35.02
CA SER F 36 -13.43 5.42 35.36
C SER F 36 -13.59 5.60 36.87
N PRO F 37 -14.62 6.31 37.30
CA PRO F 37 -15.08 6.19 38.68
C PRO F 37 -15.62 4.79 38.89
N LEU F 38 -15.57 4.34 40.14
CA LEU F 38 -16.06 3.00 40.40
C LEU F 38 -17.49 2.89 39.93
N HIS F 39 -17.76 1.90 39.07
CA HIS F 39 -19.13 1.60 38.61
C HIS F 39 -19.75 0.62 39.60
N ASP F 40 -20.29 1.17 40.70
CA ASP F 40 -20.90 0.35 41.73
C ASP F 40 -22.43 0.41 41.69
N LYS F 41 -23.01 1.09 40.69
CA LYS F 41 -24.46 1.30 40.69
C LYS F 41 -25.07 1.03 39.32
N ASP F 42 -24.50 0.14 38.54
CA ASP F 42 -25.10 -0.14 37.25
C ASP F 42 -26.30 -1.07 37.43
N LYS F 43 -27.47 -0.66 36.88
CA LYS F 43 -28.65 -1.50 37.06
C LYS F 43 -28.34 -2.83 36.42
N SER F 44 -28.53 -3.89 37.18
CA SER F 44 -28.06 -5.20 36.76
C SER F 44 -29.21 -5.92 36.09
N SER F 45 -28.92 -6.48 34.91
CA SER F 45 -29.97 -7.06 34.10
C SER F 45 -30.40 -8.41 34.67
N ILE F 46 -29.72 -8.91 35.72
CA ILE F 46 -30.22 -10.06 36.47
C ILE F 46 -31.34 -9.66 37.43
N LYS F 47 -31.62 -8.35 37.56
CA LYS F 47 -32.58 -7.86 38.55
C LYS F 47 -32.00 -8.26 39.90
N GLY F 48 -32.61 -9.19 40.64
CA GLY F 48 -32.10 -9.69 41.91
C GLY F 48 -31.46 -8.64 42.80
N GLN F 49 -30.13 -8.47 42.66
CA GLN F 49 -29.28 -7.50 43.32
C GLN F 49 -29.29 -6.10 42.73
N LYS F 50 -30.23 -5.77 41.83
CA LYS F 50 -30.35 -4.39 41.35
C LYS F 50 -29.04 -3.93 40.66
N TYR F 51 -27.90 -3.94 41.38
CA TYR F 51 -26.63 -3.43 40.89
C TYR F 51 -25.67 -4.56 40.48
N LYS F 52 -24.90 -4.33 39.41
CA LYS F 52 -23.81 -5.21 39.01
C LYS F 52 -22.62 -5.06 39.95
N LYS F 53 -21.76 -6.08 39.98
CA LYS F 53 -20.59 -6.02 40.85
C LYS F 53 -19.68 -4.86 40.44
N ALA F 54 -19.20 -4.12 41.44
CA ALA F 54 -18.40 -2.93 41.21
C ALA F 54 -17.20 -3.23 40.32
N HIS F 55 -17.00 -2.38 39.32
CA HIS F 55 -15.92 -2.57 38.37
C HIS F 55 -15.46 -1.21 37.85
N TYR F 56 -14.25 -1.18 37.31
CA TYR F 56 -13.69 -0.03 36.64
C TYR F 56 -13.61 -0.30 35.14
N HIS F 57 -13.74 0.79 34.39
CA HIS F 57 -13.33 0.82 32.99
C HIS F 57 -11.98 1.52 32.90
N VAL F 58 -11.09 0.96 32.07
CA VAL F 58 -9.76 1.53 31.86
C VAL F 58 -9.69 1.83 30.39
N LEU F 59 -9.37 3.09 30.06
CA LEU F 59 -9.03 3.50 28.71
C LEU F 59 -7.51 3.47 28.63
N TYR F 60 -6.96 2.71 27.69
CA TYR F 60 -5.53 2.41 27.65
C TYR F 60 -4.98 2.82 26.28
N ILE F 61 -3.90 3.59 26.27
CA ILE F 61 -3.36 4.06 24.99
C ILE F 61 -1.96 3.55 24.82
N ALA F 62 -1.80 2.62 23.88
CA ALA F 62 -0.49 2.07 23.55
C ALA F 62 0.37 3.15 22.88
N LYS F 63 1.71 2.99 23.00
CA LYS F 63 2.62 4.02 22.47
C LYS F 63 2.66 3.98 20.95
N ASN F 64 2.68 2.78 20.36
CA ASN F 64 2.54 2.52 18.93
C ASN F 64 1.53 1.40 18.76
N PRO F 65 0.96 1.17 17.57
CA PRO F 65 -0.02 0.08 17.41
C PRO F 65 0.47 -1.29 17.85
N VAL F 66 -0.39 -2.01 18.57
CA VAL F 66 -0.09 -3.30 19.19
C VAL F 66 -1.34 -4.16 19.04
N THR F 67 -1.19 -5.45 19.29
CA THR F 67 -2.35 -6.30 19.29
C THR F 67 -3.11 -6.17 20.60
N ALA F 68 -4.37 -6.58 20.60
CA ALA F 68 -5.09 -6.62 21.87
C ALA F 68 -4.46 -7.62 22.83
N ASP F 69 -3.94 -8.76 22.33
CA ASP F 69 -3.33 -9.74 23.22
C ASP F 69 -2.05 -9.22 23.87
N SER F 70 -1.26 -8.41 23.13
CA SER F 70 -0.21 -7.64 23.78
C SER F 70 -0.71 -7.06 25.10
N VAL F 71 -1.80 -6.27 25.03
CA VAL F 71 -2.27 -5.56 26.20
C VAL F 71 -2.78 -6.51 27.27
N ARG F 72 -3.58 -7.52 26.87
CA ARG F 72 -4.12 -8.50 27.82
C ARG F 72 -2.99 -9.19 28.57
N LYS F 73 -1.98 -9.66 27.83
CA LYS F 73 -0.82 -10.31 28.43
C LYS F 73 -0.13 -9.40 29.44
N LYS F 74 0.05 -8.11 29.08
CA LYS F 74 0.73 -7.16 29.96
C LYS F 74 -0.01 -6.96 31.28
N ILE F 75 -1.35 -6.81 31.22
CA ILE F 75 -2.13 -6.57 32.43
C ILE F 75 -2.22 -7.83 33.26
N LYS F 76 -2.26 -8.98 32.58
CA LYS F 76 -2.23 -10.27 33.26
C LYS F 76 -0.92 -10.44 34.03
N LEU F 77 0.23 -10.16 33.39
CA LEU F 77 1.49 -10.21 34.12
C LEU F 77 1.52 -9.17 35.26
N LEU F 78 1.03 -7.97 35.00
CA LEU F 78 1.13 -6.93 36.01
C LEU F 78 0.15 -7.17 37.17
N LEU F 79 -1.07 -7.63 36.87
CA LEU F 79 -2.08 -7.67 37.92
C LEU F 79 -2.51 -9.07 38.34
N GLY F 80 -2.34 -10.07 37.49
CA GLY F 80 -2.75 -11.41 37.82
C GLY F 80 -3.49 -12.03 36.65
N GLU F 81 -3.56 -13.36 36.65
CA GLU F 81 -4.29 -14.03 35.59
C GLU F 81 -5.79 -13.85 35.80
N LYS F 82 -6.18 -13.61 37.06
CA LYS F 82 -7.58 -13.48 37.41
C LYS F 82 -8.11 -12.08 37.13
N SER F 83 -7.25 -11.11 36.78
CA SER F 83 -7.66 -9.72 36.79
C SER F 83 -8.56 -9.40 35.60
N LEU F 84 -8.36 -10.10 34.47
CA LEU F 84 -9.23 -9.81 33.34
C LEU F 84 -9.25 -10.98 32.34
N ALA F 85 -10.17 -10.92 31.39
CA ALA F 85 -10.33 -11.96 30.38
C ALA F 85 -10.10 -11.43 28.98
N MET F 86 -10.64 -10.27 28.64
CA MET F 86 -10.33 -9.70 27.34
C MET F 86 -10.16 -8.18 27.43
N VAL F 87 -9.25 -7.70 26.58
CA VAL F 87 -9.04 -6.28 26.32
C VAL F 87 -9.68 -6.06 24.95
N GLN F 88 -10.49 -5.02 24.85
CA GLN F 88 -11.30 -4.72 23.68
C GLN F 88 -10.69 -3.52 22.94
N VAL F 89 -10.88 -3.46 21.64
CA VAL F 89 -10.30 -2.40 20.82
C VAL F 89 -11.28 -1.25 20.69
N VAL F 90 -10.82 -0.05 20.97
CA VAL F 90 -11.65 1.15 20.96
C VAL F 90 -11.49 1.82 19.61
N LEU F 91 -12.59 2.21 19.00
CA LEU F 91 -12.56 2.87 17.71
C LEU F 91 -12.82 4.37 17.83
N ASN F 92 -13.66 4.77 18.79
CA ASN F 92 -13.88 6.17 19.09
C ASN F 92 -13.38 6.45 20.50
N VAL F 93 -12.22 7.10 20.61
CA VAL F 93 -11.68 7.34 21.93
C VAL F 93 -12.59 8.26 22.71
N GLU F 94 -13.23 9.20 22.03
CA GLU F 94 -14.05 10.15 22.75
C GLU F 94 -15.29 9.51 23.36
N ASN F 95 -15.95 8.58 22.63
CA ASN F 95 -17.10 7.90 23.20
C ASN F 95 -16.68 7.06 24.38
N MET F 96 -15.56 6.35 24.23
CA MET F 96 -15.11 5.51 25.32
C MET F 96 -14.77 6.36 26.53
N TYR F 97 -14.21 7.54 26.30
CA TYR F 97 -13.94 8.43 27.42
C TYR F 97 -15.26 8.87 28.08
N LEU F 98 -16.27 9.21 27.27
CA LEU F 98 -17.56 9.57 27.84
C LEU F 98 -18.26 8.37 28.47
N TYR F 99 -18.03 7.16 27.92
CA TYR F 99 -18.65 6.01 28.57
C TYR F 99 -18.14 5.85 29.98
N LEU F 100 -16.92 6.33 30.25
CA LEU F 100 -16.33 6.20 31.58
C LEU F 100 -17.25 6.72 32.67
N THR F 101 -18.09 7.69 32.35
CA THR F 101 -19.04 8.27 33.28
C THR F 101 -20.47 8.03 32.84
N HIS F 102 -20.66 7.16 31.85
CA HIS F 102 -21.94 6.93 31.23
C HIS F 102 -22.52 8.18 30.60
N GLU F 103 -21.69 8.94 29.88
CA GLU F 103 -22.17 10.15 29.22
C GLU F 103 -21.99 10.11 27.70
N SER F 104 -21.67 8.96 27.12
CA SER F 104 -21.73 8.84 25.67
C SER F 104 -23.20 8.83 25.22
N LYS F 105 -23.41 9.09 23.94
CA LYS F 105 -24.80 9.19 23.53
C LYS F 105 -25.53 7.90 23.72
N ASP F 106 -24.81 6.79 23.65
CA ASP F 106 -25.50 5.52 23.78
C ASP F 106 -25.71 5.14 25.24
N ALA F 107 -24.83 5.57 26.13
CA ALA F 107 -25.11 5.29 27.54
C ALA F 107 -26.36 6.05 27.95
N ILE F 108 -26.45 7.31 27.53
CA ILE F 108 -27.60 8.16 27.82
C ILE F 108 -28.88 7.59 27.21
N ALA F 109 -28.75 6.98 26.02
CA ALA F 109 -29.90 6.39 25.33
C ALA F 109 -30.45 5.19 26.08
N LYS F 110 -29.63 4.54 26.91
CA LYS F 110 -30.11 3.43 27.72
C LYS F 110 -30.32 3.82 29.17
N LYS F 111 -30.34 5.11 29.49
CA LYS F 111 -30.60 5.61 30.85
C LYS F 111 -29.65 4.93 31.85
N LYS F 112 -28.36 4.91 31.52
CA LYS F 112 -27.38 4.32 32.42
C LYS F 112 -27.00 5.32 33.52
N HIS F 113 -26.66 4.79 34.70
CA HIS F 113 -26.35 5.63 35.84
C HIS F 113 -25.15 6.52 35.53
N VAL F 114 -25.30 7.79 35.79
CA VAL F 114 -24.25 8.74 35.50
C VAL F 114 -23.31 8.84 36.69
N TYR F 115 -22.01 9.00 36.41
CA TYR F 115 -20.98 9.15 37.43
C TYR F 115 -20.27 10.48 37.22
N ASP F 116 -19.51 10.87 38.24
CA ASP F 116 -18.90 12.18 38.36
C ASP F 116 -17.59 12.25 37.58
N LYS F 117 -17.46 13.24 36.69
CA LYS F 117 -16.26 13.29 35.84
C LYS F 117 -14.99 13.51 36.65
N ALA F 118 -15.10 14.02 37.87
CA ALA F 118 -13.97 14.25 38.75
C ALA F 118 -13.47 12.96 39.39
N ASP F 119 -14.24 11.90 39.33
CA ASP F 119 -13.76 10.64 39.82
C ASP F 119 -12.98 9.85 38.78
N ILE F 120 -12.94 10.33 37.52
CA ILE F 120 -12.04 9.78 36.53
C ILE F 120 -10.64 9.96 37.05
N LYS F 121 -9.86 8.88 37.09
CA LYS F 121 -8.46 8.97 37.47
C LYS F 121 -7.59 8.91 36.21
N LEU F 122 -6.77 9.95 36.01
CA LEU F 122 -5.89 10.02 34.85
C LEU F 122 -4.49 9.57 35.22
N ILE F 123 -3.85 8.80 34.34
CA ILE F 123 -2.53 8.23 34.62
C ILE F 123 -1.60 8.57 33.48
N ASN F 124 -0.38 8.98 33.83
CA ASN F 124 0.71 9.21 32.87
C ASN F 124 0.33 10.24 31.80
N ASN F 125 -0.19 11.38 32.23
CA ASN F 125 -0.51 12.51 31.35
C ASN F 125 -1.52 12.13 30.27
N PHE F 126 -2.50 11.29 30.63
CA PHE F 126 -3.59 11.03 29.71
C PHE F 126 -4.38 12.31 29.55
N ASP F 127 -4.47 12.80 28.32
CA ASP F 127 -5.34 13.94 28.04
C ASP F 127 -6.09 13.63 26.75
N ILE F 128 -7.43 13.52 26.86
CA ILE F 128 -8.22 13.01 25.74
C ILE F 128 -8.04 13.88 24.51
N ASP F 129 -7.88 15.20 24.71
CA ASP F 129 -7.79 16.12 23.58
C ASP F 129 -6.60 15.80 22.69
N ARG F 130 -5.61 15.08 23.23
CA ARG F 130 -4.43 14.71 22.47
C ARG F 130 -4.70 13.59 21.44
N TYR F 131 -5.74 12.79 21.64
CA TYR F 131 -6.00 11.63 20.79
C TYR F 131 -7.15 11.85 19.83
N VAL F 132 -7.98 12.86 20.07
CA VAL F 132 -9.03 13.24 19.13
C VAL F 132 -8.37 14.14 18.08
N THR F 133 -8.28 13.66 16.84
CA THR F 133 -7.48 14.34 15.82
C THR F 133 -8.16 14.31 14.46
N LEU F 134 -7.59 15.15 13.57
CA LEU F 134 -7.54 14.97 12.11
C LEU F 134 -8.89 14.60 11.52
N ASP F 135 -9.82 15.53 11.59
CA ASP F 135 -11.10 15.24 10.96
C ASP F 135 -10.92 15.39 9.46
N VAL F 136 -11.43 14.43 8.70
CA VAL F 136 -11.22 14.47 7.25
C VAL F 136 -11.83 15.74 6.68
N GLU F 137 -12.98 16.13 7.22
CA GLU F 137 -13.74 17.26 6.67
C GLU F 137 -13.00 18.57 6.96
N GLU F 138 -12.42 18.66 8.17
CA GLU F 138 -11.64 19.81 8.64
C GLU F 138 -10.25 19.88 8.02
N LYS F 139 -9.60 18.73 7.81
CA LYS F 139 -8.26 18.71 7.25
C LYS F 139 -8.26 19.22 5.82
N THR F 140 -9.31 18.94 5.06
CA THR F 140 -9.39 19.52 3.72
C THR F 140 -9.80 21.00 3.75
N GLU F 141 -10.65 21.43 4.71
CA GLU F 141 -11.00 22.84 4.74
C GLU F 141 -9.79 23.68 5.14
N LEU F 142 -9.01 23.22 6.13
CA LEU F 142 -7.76 23.91 6.44
C LEU F 142 -6.84 23.88 5.23
N PHE F 143 -6.83 22.76 4.52
CA PHE F 143 -5.97 22.69 3.35
C PHE F 143 -6.35 23.77 2.34
N ASN F 144 -7.65 23.86 2.04
CA ASN F 144 -8.11 24.82 1.06
C ASN F 144 -7.75 26.24 1.49
N VAL F 145 -7.81 26.50 2.79
CA VAL F 145 -7.39 27.80 3.31
C VAL F 145 -5.91 28.02 3.01
N VAL F 146 -5.07 27.03 3.33
CA VAL F 146 -3.64 27.14 3.02
C VAL F 146 -3.44 27.41 1.53
N VAL F 147 -4.23 26.76 0.67
CA VAL F 147 -4.10 27.01 -0.76
C VAL F 147 -4.34 28.49 -1.08
N SER F 148 -5.46 29.04 -0.60
CA SER F 148 -5.79 30.43 -0.92
C SER F 148 -4.75 31.39 -0.36
N LEU F 149 -4.17 31.07 0.80
CA LEU F 149 -3.09 31.91 1.29
C LEU F 149 -1.89 31.86 0.34
N ILE F 150 -1.56 30.68 -0.17
CA ILE F 150 -0.45 30.58 -1.10
C ILE F 150 -0.77 31.32 -2.39
N ARG F 151 -2.03 31.26 -2.82
CA ARG F 151 -2.40 32.05 -3.98
C ARG F 151 -2.35 33.55 -3.65
N ALA F 152 -3.12 33.97 -2.64
CA ALA F 152 -3.27 35.40 -2.35
C ALA F 152 -1.92 36.07 -2.18
N TYR F 153 -1.04 35.50 -1.35
CA TYR F 153 0.20 36.16 -1.00
C TYR F 153 1.39 35.59 -1.74
N THR F 154 1.14 34.84 -2.81
CA THR F 154 2.19 34.34 -3.72
C THR F 154 3.41 33.92 -2.94
N LEU F 155 3.18 32.89 -2.11
CA LEU F 155 4.18 32.30 -1.22
C LEU F 155 4.99 31.23 -1.95
N GLN F 156 6.28 31.47 -2.14
CA GLN F 156 7.10 30.73 -3.11
C GLN F 156 7.63 29.41 -2.57
N ASN F 157 7.56 29.19 -1.27
CA ASN F 157 8.18 28.02 -0.65
C ASN F 157 7.73 27.91 0.79
N ILE F 158 8.15 26.84 1.43
CA ILE F 158 7.55 26.54 2.71
C ILE F 158 8.06 27.47 3.82
N PHE F 159 9.21 28.10 3.63
CA PHE F 159 9.70 29.06 4.61
C PHE F 159 8.81 30.31 4.61
N ASP F 160 8.51 30.82 3.41
CA ASP F 160 7.62 31.97 3.29
C ASP F 160 6.26 31.68 3.93
N LEU F 161 5.73 30.47 3.68
CA LEU F 161 4.46 30.08 4.28
C LEU F 161 4.57 30.10 5.79
N TYR F 162 5.62 29.46 6.33
CA TYR F 162 5.79 29.41 7.78
C TYR F 162 5.88 30.80 8.38
N ASP F 163 6.67 31.69 7.75
CA ASP F 163 6.77 33.07 8.22
C ASP F 163 5.41 33.73 8.22
N PHE F 164 4.63 33.53 7.15
CA PHE F 164 3.29 34.08 7.14
C PHE F 164 2.49 33.55 8.34
N ILE F 165 2.61 32.25 8.68
CA ILE F 165 1.81 31.69 9.77
C ILE F 165 2.22 32.31 11.10
N ASP F 166 3.52 32.46 11.31
CA ASP F 166 4.04 33.09 12.52
C ASP F 166 3.42 34.46 12.74
N GLU F 167 3.36 35.28 11.68
CA GLU F 167 2.84 36.64 11.79
C GLU F 167 1.31 36.72 11.80
N ASN F 168 0.61 35.98 10.94
CA ASN F 168 -0.84 36.20 10.81
C ASN F 168 -1.65 34.94 11.01
N GLY F 169 -1.06 33.88 11.57
CA GLY F 169 -1.74 32.60 11.73
C GLY F 169 -3.08 32.73 12.41
N GLU F 170 -3.14 33.55 13.46
CA GLU F 170 -4.33 33.64 14.30
C GLU F 170 -5.55 34.04 13.47
N THR F 171 -5.35 34.95 12.52
CA THR F 171 -6.44 35.41 11.67
C THR F 171 -7.17 34.25 11.00
N TYR F 172 -6.46 33.17 10.67
CA TYR F 172 -7.03 32.07 9.89
C TYR F 172 -7.04 30.76 10.68
N GLY F 173 -6.84 30.83 12.00
CA GLY F 173 -6.88 29.66 12.84
C GLY F 173 -5.75 28.71 12.55
N LEU F 174 -4.54 29.22 12.39
CA LEU F 174 -3.45 28.37 11.93
C LEU F 174 -2.20 28.58 12.78
N THR F 175 -1.53 27.47 13.09
CA THR F 175 -0.25 27.45 13.77
C THR F 175 0.72 26.64 12.92
N ILE F 176 2.03 26.72 13.23
CA ILE F 176 3.01 25.97 12.45
C ILE F 176 2.72 24.49 12.54
N ASN F 177 2.54 23.96 13.76
CA ASN F 177 2.36 22.53 13.92
C ASN F 177 1.05 22.04 13.32
N LEU F 178 0.05 22.92 13.28
CA LEU F 178 -1.23 22.51 12.72
C LEU F 178 -1.18 22.48 11.19
N VAL F 179 -0.38 23.36 10.59
CA VAL F 179 -0.14 23.28 9.16
C VAL F 179 0.67 22.04 8.84
N ASN F 180 1.61 21.68 9.73
CA ASN F 180 2.39 20.45 9.55
C ASN F 180 1.48 19.24 9.47
N GLU F 181 0.43 19.21 10.29
CA GLU F 181 -0.52 18.11 10.22
C GLU F 181 -1.30 18.15 8.91
N VAL F 182 -1.71 19.34 8.49
CA VAL F 182 -2.63 19.47 7.36
C VAL F 182 -1.97 19.05 6.05
N ILE F 183 -0.69 19.37 5.87
CA ILE F 183 -0.03 19.12 4.59
C ILE F 183 0.74 17.81 4.55
N ALA F 184 0.95 17.15 5.69
CA ALA F 184 1.60 15.85 5.69
C ALA F 184 0.86 14.92 4.75
N GLY F 185 1.60 14.28 3.86
CA GLY F 185 0.95 13.45 2.88
C GLY F 185 0.23 14.20 1.77
N LYS F 186 0.51 15.50 1.61
CA LYS F 186 0.05 16.25 0.45
C LYS F 186 1.22 17.02 -0.16
N THR F 187 2.44 16.54 0.06
CA THR F 187 3.58 17.36 -0.32
C THR F 187 3.68 17.53 -1.83
N GLY F 188 3.19 16.56 -2.61
CA GLY F 188 3.18 16.75 -4.05
C GLY F 188 2.32 17.93 -4.45
N PHE F 189 1.15 18.07 -3.81
CA PHE F 189 0.28 19.21 -4.04
C PHE F 189 1.00 20.48 -3.65
N MET F 190 1.66 20.47 -2.48
CA MET F 190 2.42 21.63 -2.01
C MET F 190 3.41 22.06 -3.08
N LYS F 191 4.12 21.10 -3.66
CA LYS F 191 5.14 21.43 -4.65
C LYS F 191 4.50 22.16 -5.83
N LEU F 192 3.37 21.64 -6.33
CA LEU F 192 2.69 22.29 -7.44
C LEU F 192 2.37 23.72 -7.08
N LEU F 193 1.88 23.94 -5.86
CA LEU F 193 1.50 25.28 -5.44
C LEU F 193 2.72 26.20 -5.44
N PHE F 194 3.81 25.77 -4.81
CA PHE F 194 5.02 26.60 -4.75
C PHE F 194 5.60 26.85 -6.13
N ASP F 195 5.59 25.83 -7.01
CA ASP F 195 6.03 26.07 -8.38
C ASP F 195 5.15 27.13 -9.02
N GLY F 196 3.84 26.99 -8.88
CA GLY F 196 2.95 28.02 -9.38
C GLY F 196 3.31 29.40 -8.87
N ALA F 197 3.45 29.54 -7.55
CA ALA F 197 3.84 30.84 -7.01
C ALA F 197 5.19 31.28 -7.55
N TYR F 198 6.18 30.39 -7.59
CA TYR F 198 7.54 30.77 -7.99
C TYR F 198 7.54 31.37 -9.40
N GLN F 199 6.93 30.67 -10.36
CA GLN F 199 6.88 31.22 -11.71
C GLN F 199 6.06 32.49 -11.77
N ARG F 200 5.01 32.60 -10.95
CA ARG F 200 4.14 33.77 -10.98
C ARG F 200 4.87 35.00 -10.46
N SER F 201 5.84 34.84 -9.56
CA SER F 201 6.59 35.98 -9.05
C SER F 201 7.72 36.41 -10.00
N LYS F 202 7.96 35.67 -11.09
CA LYS F 202 8.89 36.08 -12.13
C LYS F 202 8.14 36.54 -13.37
N ARG F 203 6.99 37.20 -13.17
CA ARG F 203 6.16 37.78 -14.21
C ARG F 203 6.06 39.29 -14.03
P PO4 G . 13.53 -3.29 47.45
O1 PO4 G . 13.40 -3.02 48.92
O2 PO4 G . 14.42 -2.28 46.79
O3 PO4 G . 12.15 -3.18 46.86
O4 PO4 G . 14.12 -4.66 47.26
NA NA H . 11.80 -40.98 0.19
P PO4 I . 1.58 -20.45 -6.59
O1 PO4 I . 1.31 -21.27 -5.36
O2 PO4 I . 1.24 -19.00 -6.27
O3 PO4 I . 0.69 -20.91 -7.71
O4 PO4 I . 3.03 -20.57 -7.01
P PO4 J . 7.62 -31.94 -36.35
O1 PO4 J . 8.75 -32.32 -35.43
O2 PO4 J . 6.40 -31.69 -35.49
O3 PO4 J . 7.34 -33.02 -37.37
O4 PO4 J . 7.96 -30.69 -37.11
P PO4 K . -30.37 0.47 -5.81
O1 PO4 K . -29.58 0.68 -4.54
O2 PO4 K . -31.78 0.95 -5.67
O3 PO4 K . -30.40 -1.01 -6.13
O4 PO4 K . -29.67 1.26 -6.89
P PO4 L . -31.48 31.46 -5.80
O1 PO4 L . -30.18 31.44 -5.04
O2 PO4 L . -32.14 32.80 -5.65
O3 PO4 L . -32.37 30.35 -5.27
O4 PO4 L . -31.18 31.22 -7.26
P PO4 M . -21.30 -0.89 32.14
O1 PO4 M . -20.29 -0.52 33.23
O2 PO4 M . -21.86 0.35 31.51
O3 PO4 M . -22.36 -1.70 32.82
O4 PO4 M . -20.76 -1.74 31.00
#